data_4Q4A
#
_entry.id   4Q4A
#
_cell.length_a   216.330
_cell.length_b   84.310
_cell.length_c   115.780
_cell.angle_alpha   90.00
_cell.angle_beta   91.92
_cell.angle_gamma   90.00
#
_symmetry.space_group_name_H-M   'C 1 2 1'
#
loop_
_entity.id
_entity.type
_entity.pdbx_description
1 polymer 'ABC transporter'
2 polymer 'Uncharacterized ABC transporter ATP-binding protein TM_0288'
3 non-polymer 'PHOSPHOAMINOPHOSPHONIC ACID-ADENYLATE ESTER'
4 non-polymer 'MAGNESIUM ION'
#
loop_
_entity_poly.entity_id
_entity_poly.type
_entity_poly.pdbx_seq_one_letter_code
_entity_poly.pdbx_strand_id
1 'polypeptide(L)'
;GPSGSGGGGGSKTLARYLKPYWIFAVLAPLFMVVEVICDLSQPTLLARIVDEGIARGDFSLVLKTGILMLIVALIGAVGG
IGCTVFASYASQNFGADLRRDLFRKVLSFSISNVNRFHTSSLITRLTNDVTQLQNLVMMLLRIVVRAPLLFVGGIVMAVS
INVKLSSVLIFLIPPIVLLFVWLTKKGNPLFRKIQESTDEVNRVVRENLLGVRVVRAFRREEYENENFRKANESLRRSII
SAFSLIVFALPLFIFIVNMGMIAVLWFGGVLVRNNQMEIGSIMAYTNYLMQIMFSLMMIGNILNFIVRASASAKRVLEVL
NEKPAIEEADNALALPNVEGSVSFENVEFRYFENTDPVLSGVNFSVKPGSLVAVLGETGSGKSTLMNLIPRLIDPERGRV
EVDELDVRTVKLKDLRGHISAVPQETVLFSGTIKENLKWGREDATDDEIVEAAKIAQIHDFIISLPEGYDSRVERGGRNF
SGGQKQRLSIARALVKKPKVLILDDCTSSVDPITEKRILDGLKRYTKGCTTFIITQKIPTALLADKILVLHEGKVAGFGT
HKELLEHCKPYREIYESQFGNGVMNDA
;
A
2 'polypeptide(L)'
;MPEIRRRPHGPILEKPALKNPTATLRRLLGYLRPHTFTLIMVFVFVTVSSILGVLSPYLIGKTIDVVFVPRRFDLLPRYM
LILGTIYALTSLLFWLQGKIMLTLSQDVVFRLRKELFEKLQRVPVGFFDRTPHGDIISRVINDVDNINNVLGNSIIQFFS
GIVTLAGAVIMMFRVNVILSLVTLSIVPLTVLITQIVSSQTRKYFYENQRVLGQLNGIIEEDISGLTVIKLFTREEKEME
KFDRVNESLRKVGTKAQIFSGVLPPLMNMVNNLGFALISGFGGWLALKDIITVGTIATFIGYSRQFTRPLNELSNQFNMI
QMALASAERIFEILDLEEEKDDPDAVELREVRGEIEFKNVWFSYDKKKPVLKDITFHIKPGQKVALVGPTGSGKTTIVNL
LMRFYDVDRGQILVDGIDIRKIKRSSLRSSIGIVLQDTILFSTTVKENLKYGNPGATDEEIKEAAKLTHSDHFIKHLPEG
YETVLTDNGEDLSQGQRQLLAITRAFLANPKILILDEATSNVDTKTEKSIQAAMWKLMEGKTSIIIAHRLNTIKNADLII
VLRDGEIVEMGKHDELIQKRGFYYELFTSQYGLVVEKE
;
B
#
loop_
_chem_comp.id
_chem_comp.type
_chem_comp.name
_chem_comp.formula
ANP non-polymer 'PHOSPHOAMINOPHOSPHONIC ACID-ADENYLATE ESTER' 'C10 H17 N6 O12 P3'
MG non-polymer 'MAGNESIUM ION' 'Mg 2'
#
# COMPACT_ATOMS: atom_id res chain seq x y z
N GLY A 8 23.02 -26.11 -1.54
CA GLY A 8 22.68 -24.91 -2.28
C GLY A 8 21.95 -23.88 -1.43
N GLY A 9 21.66 -22.73 -2.03
CA GLY A 9 20.96 -21.66 -1.33
C GLY A 9 21.90 -20.60 -0.80
N GLY A 10 22.58 -20.92 0.29
CA GLY A 10 23.55 -20.01 0.89
C GLY A 10 23.59 -20.11 2.41
N SER A 11 24.76 -19.85 2.98
CA SER A 11 24.95 -20.01 4.41
C SER A 11 24.88 -18.70 5.20
N LYS A 12 24.45 -17.62 4.55
CA LYS A 12 24.32 -16.34 5.23
C LYS A 12 23.31 -16.45 6.39
N THR A 13 23.54 -15.67 7.45
CA THR A 13 22.74 -15.79 8.67
C THR A 13 22.47 -14.43 9.32
N LEU A 14 21.22 -14.20 9.73
CA LEU A 14 20.86 -12.89 10.28
C LEU A 14 21.18 -12.75 11.75
N ALA A 15 21.66 -13.82 12.36
CA ALA A 15 21.98 -13.83 13.78
C ALA A 15 23.37 -13.24 14.00
N ARG A 16 23.94 -12.71 12.93
CA ARG A 16 25.27 -12.13 12.97
C ARG A 16 25.14 -10.62 13.13
N TYR A 17 23.97 -10.09 12.79
CA TYR A 17 23.73 -8.66 12.90
C TYR A 17 23.38 -8.28 14.35
N LEU A 18 23.18 -9.28 15.19
CA LEU A 18 22.88 -9.06 16.60
C LEU A 18 24.11 -9.28 17.47
N LYS A 19 24.96 -10.23 17.05
CA LYS A 19 26.20 -10.56 17.74
C LYS A 19 27.05 -9.36 18.23
N PRO A 20 27.20 -8.31 17.41
CA PRO A 20 28.07 -7.22 17.92
C PRO A 20 27.41 -6.44 19.04
N TYR A 21 26.17 -6.77 19.38
CA TYR A 21 25.45 -6.08 20.44
C TYR A 21 24.99 -7.07 21.51
N TRP A 22 25.78 -8.12 21.70
CA TRP A 22 25.42 -9.21 22.60
C TRP A 22 25.23 -8.71 24.03
N ILE A 23 26.06 -7.74 24.42
CA ILE A 23 25.94 -7.09 25.72
C ILE A 23 24.55 -6.50 25.91
N PHE A 24 24.08 -5.74 24.93
CA PHE A 24 22.71 -5.21 24.96
C PHE A 24 21.69 -6.35 24.98
N ALA A 25 22.00 -7.41 24.25
CA ALA A 25 21.07 -8.52 24.08
C ALA A 25 20.96 -9.40 25.33
N VAL A 26 21.94 -9.30 26.23
CA VAL A 26 21.87 -10.06 27.47
C VAL A 26 21.40 -9.22 28.66
N LEU A 27 21.61 -7.91 28.62
CA LEU A 27 21.15 -7.05 29.70
C LEU A 27 19.63 -6.90 29.66
N ALA A 28 19.07 -6.81 28.46
CA ALA A 28 17.61 -6.72 28.34
C ALA A 28 16.85 -7.86 29.02
N PRO A 29 17.22 -9.13 28.75
CA PRO A 29 16.50 -10.20 29.47
C PRO A 29 16.80 -10.21 30.98
N LEU A 30 18.05 -10.02 31.37
CA LEU A 30 18.42 -9.94 32.79
C LEU A 30 17.65 -8.85 33.55
N PHE A 31 17.59 -7.67 32.96
CA PHE A 31 16.84 -6.58 33.58
C PHE A 31 15.38 -6.96 33.68
N MET A 32 14.90 -7.71 32.68
CA MET A 32 13.52 -8.16 32.70
C MET A 32 13.24 -9.17 33.83
N VAL A 33 14.19 -10.07 34.13
CA VAL A 33 13.96 -11.03 35.20
C VAL A 33 13.81 -10.31 36.55
N VAL A 34 14.56 -9.23 36.75
CA VAL A 34 14.44 -8.43 37.96
C VAL A 34 13.01 -7.89 38.09
N GLU A 35 12.43 -7.48 36.97
CA GLU A 35 11.06 -7.02 36.97
C GLU A 35 10.14 -8.18 37.34
N VAL A 36 10.40 -9.34 36.78
CA VAL A 36 9.57 -10.51 37.03
C VAL A 36 9.64 -10.99 38.48
N ILE A 37 10.84 -11.05 39.04
CA ILE A 37 11.01 -11.45 40.43
C ILE A 37 10.31 -10.46 41.35
N CYS A 38 10.44 -9.17 41.04
CA CYS A 38 9.78 -8.12 41.82
C CYS A 38 8.27 -8.17 41.67
N ASP A 39 7.79 -8.70 40.55
CA ASP A 39 6.36 -8.76 40.32
C ASP A 39 5.80 -10.02 40.96
N LEU A 40 6.65 -11.03 41.08
CA LEU A 40 6.25 -12.27 41.72
C LEU A 40 6.33 -12.17 43.26
N SER A 41 7.06 -11.19 43.75
CA SER A 41 7.27 -11.01 45.20
C SER A 41 6.07 -10.41 45.91
N GLN A 42 5.34 -9.54 45.23
CA GLN A 42 4.26 -8.80 45.88
C GLN A 42 3.16 -9.63 46.55
N PRO A 43 2.64 -10.67 45.86
CA PRO A 43 1.58 -11.43 46.54
C PRO A 43 2.04 -12.21 47.77
N THR A 44 3.30 -12.65 47.78
CA THR A 44 3.85 -13.34 48.94
C THR A 44 4.07 -12.39 50.11
N LEU A 45 4.55 -11.18 49.82
CA LEU A 45 4.72 -10.17 50.85
C LEU A 45 3.38 -9.73 51.42
N LEU A 46 2.33 -9.77 50.60
CA LEU A 46 0.99 -9.50 51.09
C LEU A 46 0.56 -10.62 52.05
N ALA A 47 0.78 -11.87 51.66
CA ALA A 47 0.41 -13.00 52.49
C ALA A 47 1.15 -12.97 53.82
N ARG A 48 2.36 -12.42 53.80
CA ARG A 48 3.15 -12.24 55.01
C ARG A 48 2.54 -11.16 55.90
N ILE A 49 2.01 -10.10 55.27
CA ILE A 49 1.36 -9.03 56.01
C ILE A 49 0.18 -9.53 56.81
N VAL A 50 -0.62 -10.42 56.22
CA VAL A 50 -1.82 -10.90 56.90
C VAL A 50 -1.57 -12.11 57.81
N ASP A 51 -0.76 -13.05 57.34
CA ASP A 51 -0.53 -14.28 58.11
C ASP A 51 0.45 -14.08 59.27
N GLU A 52 1.45 -13.24 59.06
CA GLU A 52 2.47 -13.04 60.09
C GLU A 52 2.44 -11.65 60.73
N GLY A 53 1.51 -10.81 60.28
CA GLY A 53 1.40 -9.46 60.82
C GLY A 53 0.09 -9.25 61.55
N ILE A 54 -0.99 -9.22 60.78
CA ILE A 54 -2.31 -9.01 61.35
C ILE A 54 -2.70 -10.14 62.30
N ALA A 55 -2.41 -11.37 61.88
CA ALA A 55 -2.80 -12.54 62.64
C ALA A 55 -2.07 -12.64 63.98
N ARG A 56 -0.86 -12.10 64.04
CA ARG A 56 -0.03 -12.15 65.24
C ARG A 56 0.07 -10.79 65.94
N GLY A 57 -0.66 -9.81 65.43
CA GLY A 57 -0.66 -8.47 65.97
C GLY A 57 0.70 -7.82 66.20
N ASP A 58 1.43 -7.52 65.13
CA ASP A 58 2.61 -6.65 65.26
C ASP A 58 2.80 -5.69 64.09
N PHE A 59 2.83 -4.41 64.42
CA PHE A 59 2.84 -3.35 63.42
C PHE A 59 4.14 -3.37 62.60
N SER A 60 5.25 -3.68 63.27
CA SER A 60 6.56 -3.69 62.62
C SER A 60 6.58 -4.58 61.39
N LEU A 61 6.08 -5.80 61.55
CA LEU A 61 5.92 -6.73 60.44
C LEU A 61 5.17 -6.06 59.29
N VAL A 62 3.94 -5.64 59.54
CA VAL A 62 3.13 -4.96 58.54
C VAL A 62 3.81 -3.72 57.99
N LEU A 63 4.43 -2.95 58.87
CA LEU A 63 5.05 -1.69 58.48
C LEU A 63 6.29 -1.90 57.62
N LYS A 64 7.21 -2.75 58.08
CA LYS A 64 8.48 -2.94 57.39
C LYS A 64 8.32 -3.67 56.05
N THR A 65 7.39 -4.62 55.99
CA THR A 65 7.17 -5.32 54.71
C THR A 65 6.35 -4.44 53.78
N GLY A 66 5.54 -3.56 54.37
CA GLY A 66 4.81 -2.58 53.58
C GLY A 66 5.78 -1.66 52.86
N ILE A 67 6.76 -1.14 53.62
CA ILE A 67 7.81 -0.31 53.06
C ILE A 67 8.62 -1.11 52.05
N LEU A 68 8.80 -2.40 52.33
CA LEU A 68 9.61 -3.28 51.50
C LEU A 68 8.93 -3.55 50.15
N MET A 69 7.60 -3.53 50.13
CA MET A 69 6.87 -3.72 48.88
C MET A 69 7.00 -2.51 47.96
N LEU A 70 7.16 -1.32 48.55
CA LEU A 70 7.40 -0.12 47.76
C LEU A 70 8.77 -0.19 47.11
N ILE A 71 9.78 -0.52 47.92
CA ILE A 71 11.15 -0.65 47.44
C ILE A 71 11.24 -1.68 46.30
N VAL A 72 10.54 -2.80 46.46
CA VAL A 72 10.54 -3.85 45.44
C VAL A 72 9.84 -3.39 44.15
N ALA A 73 8.84 -2.52 44.31
CA ALA A 73 8.09 -2.02 43.16
C ALA A 73 8.96 -1.12 42.27
N LEU A 74 9.69 -0.21 42.89
CA LEU A 74 10.60 0.68 42.16
C LEU A 74 11.78 -0.10 41.58
N ILE A 75 12.28 -1.07 42.33
CA ILE A 75 13.37 -1.91 41.83
C ILE A 75 12.92 -2.61 40.55
N GLY A 76 11.70 -3.16 40.57
CA GLY A 76 11.16 -3.81 39.40
C GLY A 76 10.86 -2.81 38.30
N ALA A 77 10.69 -1.55 38.68
CA ALA A 77 10.47 -0.50 37.70
C ALA A 77 11.78 -0.18 36.97
N VAL A 78 12.89 -0.17 37.70
CA VAL A 78 14.20 0.02 37.09
C VAL A 78 14.47 -1.15 36.15
N GLY A 79 14.07 -2.33 36.59
CA GLY A 79 14.19 -3.54 35.78
C GLY A 79 13.52 -3.43 34.42
N GLY A 80 12.26 -3.02 34.40
CA GLY A 80 11.49 -2.96 33.16
C GLY A 80 11.94 -1.90 32.17
N ILE A 81 12.32 -0.73 32.69
CA ILE A 81 12.81 0.35 31.85
C ILE A 81 14.16 -0.05 31.27
N GLY A 82 15.02 -0.62 32.11
CA GLY A 82 16.33 -1.07 31.71
C GLY A 82 16.27 -2.12 30.63
N CYS A 83 15.26 -2.98 30.68
CA CYS A 83 15.06 -3.97 29.62
C CYS A 83 14.69 -3.25 28.31
N THR A 84 13.65 -2.43 28.37
CA THR A 84 13.20 -1.68 27.20
C THR A 84 14.32 -0.87 26.56
N VAL A 85 15.05 -0.10 27.36
CA VAL A 85 16.18 0.67 26.87
C VAL A 85 17.21 -0.21 26.13
N PHE A 86 17.70 -1.23 26.83
CA PHE A 86 18.71 -2.11 26.26
C PHE A 86 18.20 -2.91 25.06
N ALA A 87 16.98 -3.41 25.16
CA ALA A 87 16.40 -4.15 24.03
C ALA A 87 16.21 -3.21 22.84
N SER A 88 15.99 -1.93 23.11
CA SER A 88 15.79 -0.96 22.04
C SER A 88 17.04 -0.77 21.21
N TYR A 89 18.18 -0.56 21.89
CA TYR A 89 19.46 -0.45 21.23
C TYR A 89 19.76 -1.67 20.36
N ALA A 90 19.78 -2.84 20.99
CA ALA A 90 20.02 -4.10 20.30
C ALA A 90 19.09 -4.26 19.10
N SER A 91 17.82 -3.94 19.30
CA SER A 91 16.82 -4.04 18.26
C SER A 91 17.17 -3.13 17.09
N GLN A 92 17.52 -1.89 17.41
CA GLN A 92 17.68 -0.85 16.41
C GLN A 92 18.98 -1.00 15.63
N ASN A 93 20.06 -1.27 16.35
CA ASN A 93 21.34 -1.48 15.69
C ASN A 93 21.28 -2.69 14.77
N PHE A 94 20.49 -3.67 15.17
CA PHE A 94 20.27 -4.86 14.36
C PHE A 94 19.69 -4.47 13.01
N GLY A 95 18.63 -3.66 13.04
CA GLY A 95 17.87 -3.35 11.85
C GLY A 95 18.66 -2.42 10.95
N ALA A 96 19.52 -1.62 11.57
CA ALA A 96 20.37 -0.71 10.84
C ALA A 96 21.40 -1.51 10.08
N ASP A 97 22.03 -2.46 10.77
CA ASP A 97 23.05 -3.30 10.18
C ASP A 97 22.45 -4.22 9.12
N LEU A 98 21.26 -4.75 9.41
CA LEU A 98 20.54 -5.58 8.46
C LEU A 98 20.27 -4.78 7.18
N ARG A 99 19.62 -3.63 7.35
CA ARG A 99 19.17 -2.81 6.24
C ARG A 99 20.33 -2.42 5.32
N ARG A 100 21.42 -1.97 5.91
CA ARG A 100 22.62 -1.60 5.17
C ARG A 100 23.06 -2.70 4.20
N ASP A 101 23.34 -3.88 4.73
CA ASP A 101 23.75 -5.03 3.92
C ASP A 101 22.70 -5.40 2.88
N LEU A 102 21.43 -5.25 3.23
CA LEU A 102 20.36 -5.52 2.31
C LEU A 102 20.47 -4.58 1.13
N PHE A 103 20.68 -3.30 1.43
CA PHE A 103 20.82 -2.28 0.41
C PHE A 103 22.12 -2.49 -0.37
N ARG A 104 23.18 -2.87 0.36
CA ARG A 104 24.49 -3.08 -0.24
C ARG A 104 24.42 -4.25 -1.23
N LYS A 105 23.58 -5.23 -0.93
CA LYS A 105 23.39 -6.36 -1.83
C LYS A 105 22.62 -5.95 -3.07
N VAL A 106 21.50 -5.27 -2.85
CA VAL A 106 20.61 -4.88 -3.93
C VAL A 106 21.34 -4.00 -4.95
N LEU A 107 22.17 -3.09 -4.46
CA LEU A 107 23.00 -2.22 -5.31
C LEU A 107 23.89 -3.00 -6.27
N SER A 108 24.21 -4.24 -5.91
CA SER A 108 25.13 -5.05 -6.72
C SER A 108 24.37 -5.97 -7.66
N PHE A 109 23.06 -6.01 -7.52
CA PHE A 109 22.25 -6.93 -8.31
C PHE A 109 22.29 -6.59 -9.79
N SER A 110 21.95 -7.58 -10.61
CA SER A 110 21.91 -7.40 -12.05
C SER A 110 20.47 -7.50 -12.51
N ILE A 111 20.23 -7.23 -13.79
CA ILE A 111 18.92 -7.41 -14.37
C ILE A 111 18.33 -8.78 -14.02
N SER A 112 19.15 -9.81 -14.09
CA SER A 112 18.68 -11.17 -13.90
C SER A 112 18.38 -11.46 -12.44
N ASN A 113 19.15 -10.86 -11.54
CA ASN A 113 18.87 -10.92 -10.11
C ASN A 113 17.52 -10.28 -9.79
N VAL A 114 17.36 -9.02 -10.17
CA VAL A 114 16.11 -8.30 -9.99
C VAL A 114 14.94 -9.05 -10.63
N ASN A 115 15.20 -9.71 -11.76
CA ASN A 115 14.16 -10.47 -12.44
C ASN A 115 13.60 -11.61 -11.59
N ARG A 116 14.35 -12.05 -10.59
CA ARG A 116 13.86 -13.11 -9.71
C ARG A 116 13.04 -12.55 -8.54
N PHE A 117 13.70 -11.88 -7.59
CA PHE A 117 12.94 -11.09 -6.61
C PHE A 117 12.43 -9.88 -7.35
N HIS A 118 11.18 -9.90 -7.79
CA HIS A 118 10.61 -8.75 -8.48
C HIS A 118 10.81 -7.46 -7.68
N THR A 119 10.92 -6.35 -8.40
CA THR A 119 11.27 -5.06 -7.81
C THR A 119 10.33 -4.61 -6.68
N SER A 120 9.07 -5.01 -6.77
CA SER A 120 8.09 -4.69 -5.73
C SER A 120 8.38 -5.46 -4.45
N SER A 121 8.60 -6.78 -4.59
CA SER A 121 8.95 -7.62 -3.45
C SER A 121 10.28 -7.24 -2.83
N LEU A 122 11.18 -6.73 -3.67
CA LEU A 122 12.52 -6.35 -3.23
C LEU A 122 12.41 -5.17 -2.27
N ILE A 123 11.50 -4.25 -2.60
CA ILE A 123 11.30 -3.05 -1.82
C ILE A 123 10.66 -3.38 -0.48
N THR A 124 9.66 -4.24 -0.51
CA THR A 124 9.01 -4.69 0.72
C THR A 124 9.98 -5.49 1.60
N ARG A 125 10.93 -6.20 0.98
CA ARG A 125 11.94 -6.96 1.73
C ARG A 125 12.93 -6.08 2.47
N LEU A 126 13.12 -4.84 2.02
CA LEU A 126 14.10 -3.94 2.61
C LEU A 126 13.44 -2.91 3.52
N THR A 127 12.12 -2.86 3.46
CA THR A 127 11.37 -1.89 4.25
C THR A 127 10.56 -2.58 5.37
N ASN A 128 9.53 -3.33 4.99
CA ASN A 128 8.69 -4.03 5.96
C ASN A 128 9.40 -5.15 6.72
N ASP A 129 9.96 -6.12 5.99
CA ASP A 129 10.65 -7.24 6.62
C ASP A 129 11.76 -6.79 7.56
N VAL A 130 12.40 -5.66 7.25
CA VAL A 130 13.44 -5.16 8.12
C VAL A 130 12.86 -4.68 9.44
N THR A 131 11.66 -4.12 9.39
CA THR A 131 10.98 -3.67 10.61
C THR A 131 10.40 -4.84 11.40
N GLN A 132 9.80 -5.81 10.70
CA GLN A 132 9.36 -7.07 11.30
C GLN A 132 10.49 -7.72 12.09
N LEU A 133 11.62 -7.95 11.43
CA LEU A 133 12.77 -8.54 12.10
C LEU A 133 13.24 -7.67 13.28
N GLN A 134 13.19 -6.36 13.13
CA GLN A 134 13.56 -5.46 14.23
C GLN A 134 12.64 -5.73 15.40
N ASN A 135 11.34 -5.76 15.13
CA ASN A 135 10.33 -6.03 16.15
C ASN A 135 10.56 -7.38 16.83
N LEU A 136 10.78 -8.41 16.03
CA LEU A 136 11.07 -9.77 16.52
C LEU A 136 12.20 -9.75 17.55
N VAL A 137 13.28 -9.05 17.25
CA VAL A 137 14.40 -8.98 18.17
C VAL A 137 14.04 -8.21 19.44
N MET A 138 13.26 -7.14 19.28
CA MET A 138 12.79 -6.35 20.42
C MET A 138 11.98 -7.26 21.31
N MET A 139 11.07 -7.98 20.68
CA MET A 139 10.17 -8.91 21.30
C MET A 139 10.90 -10.04 22.01
N LEU A 140 11.90 -10.61 21.35
CA LEU A 140 12.67 -11.71 21.96
C LEU A 140 13.35 -11.28 23.26
N LEU A 141 13.67 -9.99 23.36
CA LEU A 141 14.48 -9.52 24.47
C LEU A 141 13.64 -8.92 25.60
N ARG A 142 12.32 -8.79 25.40
CA ARG A 142 11.45 -8.31 26.48
C ARG A 142 10.29 -9.25 26.85
N ILE A 143 9.17 -9.20 26.14
CA ILE A 143 8.05 -10.06 26.50
C ILE A 143 8.25 -11.56 26.23
N VAL A 144 9.26 -11.92 25.45
CA VAL A 144 9.54 -13.33 25.20
C VAL A 144 10.29 -13.89 26.41
N VAL A 145 10.86 -12.98 27.20
CA VAL A 145 11.48 -13.35 28.47
C VAL A 145 10.44 -13.22 29.59
N ARG A 146 9.73 -12.09 29.60
CA ARG A 146 8.76 -11.78 30.64
C ARG A 146 7.65 -12.83 30.77
N ALA A 147 6.81 -12.97 29.76
CA ALA A 147 5.66 -13.87 29.81
C ALA A 147 5.96 -15.32 30.24
N PRO A 148 6.97 -15.96 29.63
CA PRO A 148 7.21 -17.35 30.07
C PRO A 148 7.86 -17.44 31.45
N LEU A 149 8.35 -16.32 31.98
CA LEU A 149 8.89 -16.33 33.33
C LEU A 149 7.79 -16.14 34.36
N LEU A 150 6.85 -15.24 34.06
CA LEU A 150 5.66 -15.11 34.89
C LEU A 150 4.87 -16.42 34.90
N PHE A 151 4.72 -17.04 33.73
CA PHE A 151 4.00 -18.31 33.64
C PHE A 151 4.66 -19.40 34.47
N VAL A 152 5.97 -19.54 34.33
CA VAL A 152 6.69 -20.60 35.04
C VAL A 152 6.92 -20.23 36.51
N GLY A 153 7.22 -18.95 36.75
CA GLY A 153 7.45 -18.47 38.10
C GLY A 153 6.17 -18.45 38.92
N GLY A 154 5.06 -18.12 38.25
CA GLY A 154 3.77 -18.13 38.92
C GLY A 154 3.39 -19.53 39.36
N ILE A 155 3.69 -20.52 38.51
CA ILE A 155 3.43 -21.91 38.85
C ILE A 155 4.36 -22.35 40.00
N VAL A 156 5.62 -21.95 39.94
CA VAL A 156 6.58 -22.25 41.00
C VAL A 156 6.08 -21.74 42.34
N MET A 157 5.68 -20.48 42.37
CA MET A 157 5.15 -19.86 43.59
C MET A 157 3.93 -20.60 44.14
N ALA A 158 2.97 -20.91 43.28
CA ALA A 158 1.75 -21.61 43.70
C ALA A 158 2.12 -22.96 44.29
N VAL A 159 3.07 -23.63 43.64
CA VAL A 159 3.59 -24.89 44.14
C VAL A 159 4.34 -24.66 45.46
N SER A 160 5.01 -23.53 45.57
CA SER A 160 5.78 -23.21 46.77
C SER A 160 4.86 -22.93 47.95
N ILE A 161 3.66 -22.46 47.66
CA ILE A 161 2.70 -22.11 48.71
C ILE A 161 1.92 -23.34 49.16
N ASN A 162 1.43 -24.12 48.19
CA ASN A 162 0.73 -25.37 48.50
C ASN A 162 0.66 -26.31 47.31
N VAL A 163 1.44 -27.39 47.38
CA VAL A 163 1.47 -28.42 46.34
C VAL A 163 0.08 -28.95 45.97
N LYS A 164 -0.68 -29.40 46.98
CA LYS A 164 -2.01 -29.95 46.74
C LYS A 164 -2.91 -29.05 45.88
N LEU A 165 -3.04 -27.79 46.28
CA LEU A 165 -3.92 -26.86 45.60
C LEU A 165 -3.47 -26.60 44.15
N SER A 166 -2.20 -26.88 43.87
CA SER A 166 -1.64 -26.69 42.53
C SER A 166 -2.24 -27.62 41.48
N SER A 167 -2.82 -28.72 41.93
CA SER A 167 -3.47 -29.66 41.02
C SER A 167 -4.54 -29.00 40.16
N VAL A 168 -5.08 -27.90 40.64
CA VAL A 168 -6.13 -27.19 39.94
C VAL A 168 -5.59 -26.49 38.68
N LEU A 169 -4.27 -26.33 38.60
CA LEU A 169 -3.62 -25.82 37.41
C LEU A 169 -3.65 -26.87 36.30
N ILE A 170 -3.64 -28.14 36.70
CA ILE A 170 -3.72 -29.25 35.77
C ILE A 170 -5.10 -29.26 35.09
N PHE A 171 -6.09 -28.68 35.75
CA PHE A 171 -7.44 -28.61 35.20
C PHE A 171 -7.70 -27.32 34.43
N LEU A 172 -6.94 -26.27 34.74
CA LEU A 172 -7.18 -24.96 34.15
C LEU A 172 -6.39 -24.72 32.86
N ILE A 173 -5.21 -25.33 32.77
CA ILE A 173 -4.32 -25.05 31.66
C ILE A 173 -4.68 -25.76 30.33
N PRO A 174 -4.98 -27.07 30.37
CA PRO A 174 -5.43 -27.73 29.13
C PRO A 174 -6.62 -27.12 28.37
N PRO A 175 -7.69 -26.69 29.07
CA PRO A 175 -8.78 -26.11 28.26
C PRO A 175 -8.37 -24.80 27.58
N ILE A 176 -7.55 -24.00 28.26
CA ILE A 176 -7.08 -22.75 27.69
C ILE A 176 -6.20 -22.99 26.47
N VAL A 177 -5.23 -23.90 26.59
CA VAL A 177 -4.39 -24.26 25.45
C VAL A 177 -5.25 -24.81 24.31
N LEU A 178 -6.23 -25.63 24.67
CA LEU A 178 -7.13 -26.20 23.67
C LEU A 178 -7.97 -25.12 23.01
N LEU A 179 -8.35 -24.11 23.77
CA LEU A 179 -9.11 -22.97 23.26
C LEU A 179 -8.27 -22.21 22.24
N PHE A 180 -6.99 -22.02 22.55
CA PHE A 180 -6.09 -21.27 21.67
C PHE A 180 -5.83 -22.04 20.38
N VAL A 181 -5.64 -23.34 20.51
CA VAL A 181 -5.42 -24.21 19.35
C VAL A 181 -6.63 -24.20 18.43
N TRP A 182 -7.82 -24.32 19.02
CA TRP A 182 -9.07 -24.30 18.26
C TRP A 182 -9.29 -22.96 17.56
N LEU A 183 -9.11 -21.87 18.31
CA LEU A 183 -9.33 -20.52 17.78
C LEU A 183 -8.39 -20.23 16.61
N THR A 184 -7.14 -20.66 16.75
CA THR A 184 -6.17 -20.44 15.69
C THR A 184 -6.51 -21.26 14.45
N LYS A 185 -6.67 -22.57 14.62
CA LYS A 185 -6.93 -23.45 13.48
C LYS A 185 -8.27 -23.21 12.78
N LYS A 186 -9.21 -22.57 13.47
CA LYS A 186 -10.50 -22.26 12.86
C LYS A 186 -10.59 -20.81 12.42
N GLY A 187 -9.89 -19.93 13.13
CA GLY A 187 -9.89 -18.51 12.80
C GLY A 187 -8.96 -18.15 11.67
N ASN A 188 -7.91 -18.93 11.48
CA ASN A 188 -6.93 -18.67 10.43
C ASN A 188 -7.50 -18.63 9.01
N PRO A 189 -8.26 -19.66 8.60
CA PRO A 189 -8.78 -19.58 7.23
C PRO A 189 -9.95 -18.62 7.11
N LEU A 190 -10.58 -18.28 8.23
CA LEU A 190 -11.71 -17.35 8.23
C LEU A 190 -11.24 -15.90 8.23
N PHE A 191 -10.04 -15.67 8.76
CA PHE A 191 -9.44 -14.34 8.72
C PHE A 191 -8.83 -14.10 7.36
N ARG A 192 -8.27 -15.15 6.77
CA ARG A 192 -7.70 -15.11 5.44
C ARG A 192 -8.81 -14.88 4.42
N LYS A 193 -10.01 -15.34 4.76
CA LYS A 193 -11.17 -15.18 3.89
C LYS A 193 -11.62 -13.71 3.86
N ILE A 194 -11.33 -12.99 4.94
CA ILE A 194 -11.63 -11.57 5.00
C ILE A 194 -10.75 -10.81 4.01
N GLN A 195 -9.47 -11.16 3.98
CA GLN A 195 -8.52 -10.51 3.08
C GLN A 195 -8.92 -10.71 1.63
N GLU A 196 -9.46 -11.89 1.34
CA GLU A 196 -9.95 -12.20 0.00
C GLU A 196 -11.18 -11.36 -0.33
N SER A 197 -12.03 -11.14 0.66
CA SER A 197 -13.26 -10.37 0.46
C SER A 197 -13.01 -8.87 0.48
N THR A 198 -11.92 -8.47 1.12
CA THR A 198 -11.53 -7.07 1.17
C THR A 198 -10.92 -6.65 -0.17
N ASP A 199 -10.01 -7.47 -0.69
CA ASP A 199 -9.38 -7.22 -1.98
C ASP A 199 -10.41 -7.11 -3.09
N GLU A 200 -11.47 -7.92 -2.99
CA GLU A 200 -12.54 -7.87 -3.97
C GLU A 200 -13.27 -6.53 -3.93
N VAL A 201 -13.46 -5.99 -2.74
CA VAL A 201 -14.04 -4.66 -2.60
C VAL A 201 -13.11 -3.62 -3.22
N ASN A 202 -11.81 -3.76 -2.95
CA ASN A 202 -10.81 -2.83 -3.48
C ASN A 202 -10.72 -2.89 -5.00
N ARG A 203 -10.82 -4.09 -5.56
CA ARG A 203 -10.72 -4.27 -7.00
C ARG A 203 -11.89 -3.61 -7.73
N VAL A 204 -13.10 -3.84 -7.23
CA VAL A 204 -14.31 -3.27 -7.82
C VAL A 204 -14.29 -1.74 -7.79
N VAL A 205 -13.74 -1.18 -6.71
CA VAL A 205 -13.63 0.27 -6.59
C VAL A 205 -12.58 0.82 -7.57
N ARG A 206 -11.45 0.13 -7.65
CA ARG A 206 -10.37 0.55 -8.55
C ARG A 206 -10.78 0.50 -10.03
N GLU A 207 -11.39 -0.61 -10.44
CA GLU A 207 -11.77 -0.78 -11.84
C GLU A 207 -12.86 0.20 -12.23
N ASN A 208 -13.68 0.59 -11.26
CA ASN A 208 -14.70 1.61 -11.49
C ASN A 208 -14.11 3.01 -11.58
N LEU A 209 -13.00 3.23 -10.89
CA LEU A 209 -12.29 4.49 -10.98
C LEU A 209 -11.48 4.53 -12.27
N LEU A 210 -10.81 3.42 -12.55
CA LEU A 210 -9.94 3.28 -13.71
C LEU A 210 -10.71 3.48 -15.02
N GLY A 211 -11.79 2.73 -15.19
CA GLY A 211 -12.55 2.75 -16.42
C GLY A 211 -13.91 3.39 -16.26
N VAL A 212 -13.97 4.45 -15.46
CA VAL A 212 -15.23 5.16 -15.22
C VAL A 212 -15.88 5.65 -16.51
N ARG A 213 -15.08 6.16 -17.44
CA ARG A 213 -15.61 6.64 -18.72
C ARG A 213 -16.15 5.50 -19.57
N VAL A 214 -15.60 4.31 -19.38
CA VAL A 214 -16.11 3.13 -20.07
C VAL A 214 -17.46 2.71 -19.49
N VAL A 215 -17.53 2.56 -18.16
CA VAL A 215 -18.78 2.15 -17.53
C VAL A 215 -19.88 3.20 -17.69
N ARG A 216 -19.48 4.46 -17.80
CA ARG A 216 -20.45 5.54 -17.92
C ARG A 216 -21.03 5.61 -19.31
N ALA A 217 -20.14 5.61 -20.30
CA ALA A 217 -20.51 5.69 -21.71
C ALA A 217 -21.33 4.48 -22.14
N PHE A 218 -20.95 3.31 -21.64
CA PHE A 218 -21.66 2.08 -21.97
C PHE A 218 -22.96 1.91 -21.18
N ARG A 219 -23.29 2.93 -20.39
CA ARG A 219 -24.54 2.95 -19.63
C ARG A 219 -24.68 1.71 -18.77
N ARG A 220 -23.63 1.42 -18.00
CA ARG A 220 -23.54 0.17 -17.26
C ARG A 220 -23.30 0.45 -15.78
N GLU A 221 -23.68 1.65 -15.34
CA GLU A 221 -23.48 2.06 -13.95
C GLU A 221 -24.23 1.14 -12.99
N GLU A 222 -25.46 0.80 -13.34
CA GLU A 222 -26.31 0.00 -12.47
C GLU A 222 -25.78 -1.44 -12.35
N TYR A 223 -25.08 -1.89 -13.39
CA TYR A 223 -24.45 -3.19 -13.39
C TYR A 223 -23.24 -3.20 -12.46
N GLU A 224 -22.67 -2.02 -12.25
CA GLU A 224 -21.51 -1.87 -11.36
C GLU A 224 -21.95 -1.81 -9.91
N ASN A 225 -23.08 -1.16 -9.65
CA ASN A 225 -23.67 -1.17 -8.32
C ASN A 225 -24.02 -2.59 -7.90
N GLU A 226 -24.53 -3.37 -8.86
CA GLU A 226 -24.83 -4.77 -8.65
C GLU A 226 -23.57 -5.55 -8.30
N ASN A 227 -22.49 -5.30 -9.02
CA ASN A 227 -21.22 -6.00 -8.79
C ASN A 227 -20.49 -5.55 -7.53
N PHE A 228 -20.85 -4.38 -7.01
CA PHE A 228 -20.26 -3.92 -5.76
C PHE A 228 -21.00 -4.52 -4.57
N ARG A 229 -22.29 -4.78 -4.76
CA ARG A 229 -23.09 -5.41 -3.71
C ARG A 229 -22.55 -6.81 -3.41
N LYS A 230 -22.17 -7.51 -4.46
CA LYS A 230 -21.63 -8.86 -4.31
C LYS A 230 -20.35 -8.85 -3.48
N ALA A 231 -19.50 -7.86 -3.75
CA ALA A 231 -18.25 -7.73 -3.01
C ALA A 231 -18.50 -7.15 -1.62
N ASN A 232 -19.56 -6.34 -1.51
CA ASN A 232 -19.92 -5.71 -0.25
C ASN A 232 -20.50 -6.73 0.73
N GLU A 233 -21.34 -7.61 0.21
CA GLU A 233 -21.97 -8.65 1.03
C GLU A 233 -20.98 -9.72 1.45
N SER A 234 -20.16 -10.16 0.49
CA SER A 234 -19.13 -11.16 0.76
C SER A 234 -18.21 -10.70 1.89
N LEU A 235 -17.83 -9.43 1.85
CA LEU A 235 -16.99 -8.84 2.89
C LEU A 235 -17.72 -8.78 4.23
N ARG A 236 -19.00 -8.41 4.20
CA ARG A 236 -19.80 -8.38 5.42
C ARG A 236 -19.87 -9.78 6.01
N ARG A 237 -20.24 -10.75 5.19
CA ARG A 237 -20.38 -12.14 5.60
C ARG A 237 -19.09 -12.71 6.21
N SER A 238 -17.97 -12.50 5.53
CA SER A 238 -16.70 -13.07 5.96
C SER A 238 -16.14 -12.41 7.23
N ILE A 239 -16.65 -11.22 7.54
CA ILE A 239 -16.21 -10.50 8.73
C ILE A 239 -17.03 -10.90 9.96
N ILE A 240 -18.34 -11.08 9.78
CA ILE A 240 -19.19 -11.58 10.86
C ILE A 240 -18.76 -12.98 11.27
N SER A 241 -18.60 -13.86 10.29
CA SER A 241 -18.29 -15.27 10.53
C SER A 241 -16.94 -15.44 11.20
N ALA A 242 -16.02 -14.51 10.94
CA ALA A 242 -14.68 -14.62 11.51
C ALA A 242 -14.63 -14.01 12.91
N PHE A 243 -15.19 -12.82 13.07
CA PHE A 243 -15.11 -12.14 14.35
C PHE A 243 -16.08 -12.69 15.40
N SER A 244 -17.07 -13.45 14.96
CA SER A 244 -17.96 -14.12 15.90
C SER A 244 -17.17 -15.16 16.71
N LEU A 245 -16.09 -15.65 16.12
CA LEU A 245 -15.17 -16.55 16.82
C LEU A 245 -14.50 -15.82 17.97
N ILE A 246 -13.82 -14.72 17.64
CA ILE A 246 -13.14 -13.89 18.64
C ILE A 246 -14.11 -13.41 19.71
N VAL A 247 -15.31 -13.05 19.30
CA VAL A 247 -16.30 -12.47 20.18
C VAL A 247 -16.87 -13.50 21.16
N PHE A 248 -16.57 -14.77 20.90
CA PHE A 248 -16.95 -15.87 21.77
C PHE A 248 -15.73 -16.38 22.53
N ALA A 249 -14.57 -16.23 21.92
CA ALA A 249 -13.31 -16.70 22.52
C ALA A 249 -12.94 -15.93 23.79
N LEU A 250 -12.92 -14.60 23.71
CA LEU A 250 -12.57 -13.78 24.88
C LEU A 250 -13.46 -14.01 26.12
N PRO A 251 -14.80 -14.02 25.96
CA PRO A 251 -15.60 -14.25 27.16
C PRO A 251 -15.42 -15.66 27.73
N LEU A 252 -15.22 -16.66 26.87
CA LEU A 252 -15.02 -18.03 27.36
C LEU A 252 -13.68 -18.17 28.08
N PHE A 253 -12.67 -17.45 27.61
CA PHE A 253 -11.38 -17.44 28.28
C PHE A 253 -11.51 -16.86 29.69
N ILE A 254 -12.16 -15.71 29.80
CA ILE A 254 -12.38 -15.05 31.08
C ILE A 254 -13.19 -15.93 32.05
N PHE A 255 -14.15 -16.68 31.51
CA PHE A 255 -14.97 -17.58 32.31
C PHE A 255 -14.11 -18.67 32.95
N ILE A 256 -13.31 -19.34 32.12
CA ILE A 256 -12.40 -20.38 32.59
C ILE A 256 -11.48 -19.84 33.68
N VAL A 257 -10.94 -18.65 33.45
CA VAL A 257 -10.08 -18.00 34.43
C VAL A 257 -10.85 -17.70 35.72
N ASN A 258 -12.12 -17.31 35.58
CA ASN A 258 -12.95 -16.99 36.74
C ASN A 258 -13.35 -18.24 37.53
N MET A 259 -13.51 -19.36 36.82
CA MET A 259 -13.75 -20.63 37.48
C MET A 259 -12.45 -21.10 38.10
N GLY A 260 -11.35 -20.53 37.64
CA GLY A 260 -10.07 -20.72 38.31
C GLY A 260 -10.18 -20.20 39.72
N MET A 261 -10.67 -18.96 39.84
CA MET A 261 -10.91 -18.35 41.14
C MET A 261 -11.82 -19.22 42.01
N ILE A 262 -12.98 -19.59 41.47
CA ILE A 262 -13.93 -20.46 42.13
C ILE A 262 -13.25 -21.69 42.71
N ALA A 263 -12.51 -22.40 41.86
CA ALA A 263 -11.82 -23.62 42.27
C ALA A 263 -10.81 -23.33 43.36
N VAL A 264 -10.13 -22.19 43.26
CA VAL A 264 -9.14 -21.81 44.28
C VAL A 264 -9.79 -21.56 45.63
N LEU A 265 -10.93 -20.87 45.65
CA LEU A 265 -11.60 -20.56 46.89
C LEU A 265 -12.33 -21.78 47.48
N TRP A 266 -12.80 -22.65 46.61
CA TRP A 266 -13.53 -23.85 47.04
C TRP A 266 -12.58 -24.96 47.52
N PHE A 267 -11.62 -25.32 46.68
CA PHE A 267 -10.63 -26.33 47.02
C PHE A 267 -9.68 -25.80 48.10
N GLY A 268 -9.39 -24.51 48.04
CA GLY A 268 -8.56 -23.89 49.05
C GLY A 268 -9.33 -23.71 50.34
N GLY A 269 -10.65 -23.61 50.21
CA GLY A 269 -11.52 -23.46 51.36
C GLY A 269 -11.50 -24.69 52.25
N VAL A 270 -11.42 -25.87 51.64
CA VAL A 270 -11.38 -27.10 52.41
C VAL A 270 -9.97 -27.42 52.87
N LEU A 271 -9.03 -26.53 52.57
CA LEU A 271 -7.64 -26.71 52.97
C LEU A 271 -7.32 -25.87 54.21
N VAL A 272 -7.90 -24.68 54.29
CA VAL A 272 -7.77 -23.84 55.48
C VAL A 272 -8.54 -24.46 56.66
N ARG A 273 -9.68 -25.07 56.35
CA ARG A 273 -10.51 -25.74 57.34
C ARG A 273 -9.75 -26.89 58.01
N ASN A 274 -8.90 -27.56 57.25
CA ASN A 274 -8.08 -28.65 57.78
C ASN A 274 -6.76 -28.11 58.34
N ASN A 275 -6.72 -26.81 58.58
CA ASN A 275 -5.57 -26.15 59.18
C ASN A 275 -4.26 -26.36 58.39
N GLN A 276 -4.39 -26.46 57.08
CA GLN A 276 -3.23 -26.72 56.24
C GLN A 276 -2.79 -25.51 55.42
N MET A 277 -3.54 -24.41 55.50
CA MET A 277 -3.28 -23.25 54.66
C MET A 277 -3.91 -22.00 55.26
N GLU A 278 -3.08 -21.03 55.66
CA GLU A 278 -3.58 -19.83 56.30
C GLU A 278 -4.31 -18.94 55.29
N ILE A 279 -4.97 -17.89 55.78
CA ILE A 279 -5.84 -17.06 54.94
C ILE A 279 -5.06 -16.15 53.98
N GLY A 280 -3.85 -15.77 54.37
CA GLY A 280 -3.01 -14.94 53.52
C GLY A 280 -2.53 -15.69 52.29
N SER A 281 -2.24 -16.98 52.48
CA SER A 281 -1.79 -17.83 51.40
C SER A 281 -2.83 -18.01 50.32
N ILE A 282 -4.12 -17.93 50.69
CA ILE A 282 -5.17 -17.99 49.69
C ILE A 282 -5.19 -16.71 48.86
N MET A 283 -4.93 -15.57 49.50
CA MET A 283 -4.92 -14.29 48.81
C MET A 283 -3.75 -14.24 47.83
N ALA A 284 -2.59 -14.70 48.28
CA ALA A 284 -1.40 -14.77 47.45
C ALA A 284 -1.64 -15.72 46.28
N TYR A 285 -2.42 -16.75 46.52
CA TYR A 285 -2.64 -17.80 45.53
C TYR A 285 -3.56 -17.34 44.41
N THR A 286 -4.56 -16.52 44.75
CA THR A 286 -5.47 -16.01 43.75
C THR A 286 -4.75 -15.10 42.76
N ASN A 287 -3.80 -14.30 43.25
CA ASN A 287 -3.04 -13.40 42.40
C ASN A 287 -2.07 -14.15 41.51
N TYR A 288 -1.36 -15.13 42.07
CA TYR A 288 -0.47 -15.98 41.28
C TYR A 288 -1.27 -16.71 40.21
N LEU A 289 -2.52 -17.04 40.54
CA LEU A 289 -3.39 -17.74 39.60
C LEU A 289 -3.64 -16.89 38.36
N MET A 290 -3.99 -15.62 38.57
CA MET A 290 -4.27 -14.72 37.46
C MET A 290 -3.01 -14.41 36.65
N GLN A 291 -1.90 -14.25 37.37
CA GLN A 291 -0.58 -14.08 36.76
C GLN A 291 -0.30 -15.20 35.75
N ILE A 292 -0.40 -16.44 36.19
CA ILE A 292 -0.15 -17.61 35.35
C ILE A 292 -1.02 -17.62 34.10
N MET A 293 -2.30 -17.28 34.28
CA MET A 293 -3.28 -17.36 33.21
C MET A 293 -3.10 -16.29 32.14
N PHE A 294 -2.97 -15.04 32.56
CA PHE A 294 -2.79 -13.93 31.62
C PHE A 294 -1.47 -14.09 30.87
N SER A 295 -0.44 -14.56 31.56
CA SER A 295 0.84 -14.83 30.92
C SER A 295 0.66 -15.87 29.83
N LEU A 296 -0.11 -16.91 30.12
CA LEU A 296 -0.40 -17.95 29.15
C LEU A 296 -1.11 -17.38 27.93
N MET A 297 -1.85 -16.30 28.14
CA MET A 297 -2.54 -15.64 27.04
C MET A 297 -1.55 -14.86 26.19
N MET A 298 -0.59 -14.19 26.85
CA MET A 298 0.45 -13.45 26.14
C MET A 298 1.33 -14.38 25.31
N ILE A 299 1.65 -15.54 25.86
CA ILE A 299 2.45 -16.53 25.15
C ILE A 299 1.77 -16.93 23.84
N GLY A 300 0.45 -17.11 23.90
CA GLY A 300 -0.33 -17.45 22.73
C GLY A 300 -0.21 -16.42 21.63
N ASN A 301 -0.21 -15.15 22.01
CA ASN A 301 -0.09 -14.06 21.03
C ASN A 301 1.30 -13.96 20.44
N ILE A 302 2.32 -14.23 21.25
CA ILE A 302 3.69 -14.32 20.77
C ILE A 302 3.81 -15.34 19.65
N LEU A 303 3.26 -16.53 19.88
CA LEU A 303 3.25 -17.61 18.91
C LEU A 303 2.63 -17.20 17.57
N ASN A 304 1.58 -16.38 17.63
CA ASN A 304 0.92 -15.91 16.42
C ASN A 304 1.79 -14.97 15.60
N PHE A 305 2.67 -14.24 16.27
CA PHE A 305 3.52 -13.27 15.58
C PHE A 305 4.79 -13.88 15.02
N ILE A 306 5.31 -14.92 15.68
CA ILE A 306 6.53 -15.59 15.23
C ILE A 306 6.37 -16.22 13.85
N VAL A 307 5.24 -16.89 13.63
CA VAL A 307 5.01 -17.57 12.36
C VAL A 307 4.97 -16.59 11.19
N ARG A 308 4.50 -15.38 11.46
CA ARG A 308 4.48 -14.33 10.44
C ARG A 308 5.86 -13.71 10.30
N ALA A 309 6.57 -13.59 11.43
CA ALA A 309 7.90 -12.99 11.44
C ALA A 309 8.93 -13.79 10.64
N SER A 310 8.87 -15.12 10.75
CA SER A 310 9.86 -15.96 10.08
C SER A 310 9.76 -15.90 8.56
N ALA A 311 8.60 -15.55 8.04
CA ALA A 311 8.43 -15.36 6.60
C ALA A 311 9.28 -14.18 6.11
N SER A 312 9.53 -13.23 7.01
CA SER A 312 10.42 -12.12 6.73
C SER A 312 11.87 -12.57 6.80
N ALA A 313 12.18 -13.50 7.70
CA ALA A 313 13.53 -14.01 7.83
C ALA A 313 13.95 -14.70 6.55
N LYS A 314 13.07 -15.54 6.03
CA LYS A 314 13.34 -16.28 4.80
C LYS A 314 13.52 -15.32 3.61
N ARG A 315 12.59 -14.39 3.45
CA ARG A 315 12.64 -13.40 2.38
C ARG A 315 13.88 -12.53 2.44
N VAL A 316 14.25 -12.08 3.63
CA VAL A 316 15.45 -11.28 3.78
C VAL A 316 16.70 -12.11 3.48
N LEU A 317 16.67 -13.38 3.89
CA LEU A 317 17.83 -14.26 3.70
C LEU A 317 18.09 -14.59 2.24
N GLU A 318 17.01 -14.72 1.45
CA GLU A 318 17.14 -14.96 0.03
C GLU A 318 17.92 -13.84 -0.65
N VAL A 319 17.61 -12.59 -0.28
CA VAL A 319 18.37 -11.45 -0.80
C VAL A 319 19.83 -11.52 -0.34
N LEU A 320 20.05 -11.78 0.94
CA LEU A 320 21.41 -11.85 1.45
C LEU A 320 22.24 -13.00 0.84
N ASN A 321 21.55 -14.01 0.32
CA ASN A 321 22.20 -15.20 -0.25
C ASN A 321 22.35 -15.12 -1.77
N GLU A 322 21.87 -14.05 -2.37
CA GLU A 322 21.88 -13.93 -3.82
C GLU A 322 23.20 -13.41 -4.35
N LYS A 323 23.84 -14.21 -5.19
CA LYS A 323 25.08 -13.82 -5.89
C LYS A 323 24.78 -12.92 -7.10
N PRO A 324 25.50 -11.79 -7.22
CA PRO A 324 25.29 -10.91 -8.39
C PRO A 324 25.67 -11.61 -9.70
N ALA A 325 24.80 -11.54 -10.70
CA ALA A 325 25.02 -12.23 -11.97
C ALA A 325 26.14 -11.63 -12.84
N ILE A 326 26.39 -10.33 -12.71
CA ILE A 326 27.48 -9.72 -13.48
C ILE A 326 28.68 -9.42 -12.59
N GLU A 327 29.81 -10.05 -12.89
CA GLU A 327 31.00 -9.82 -12.10
C GLU A 327 32.25 -9.49 -12.92
N GLU A 328 32.99 -8.49 -12.45
CA GLU A 328 34.26 -8.11 -13.02
C GLU A 328 35.28 -9.21 -12.74
N ALA A 329 36.07 -9.59 -13.75
CA ALA A 329 37.12 -10.58 -13.53
C ALA A 329 38.23 -9.97 -12.69
N ASP A 330 39.07 -10.84 -12.13
CA ASP A 330 40.11 -10.41 -11.19
C ASP A 330 41.09 -9.46 -11.87
N ASN A 331 41.59 -9.88 -13.03
CA ASN A 331 42.52 -9.07 -13.77
C ASN A 331 41.85 -8.47 -14.99
N ALA A 332 40.82 -7.67 -14.73
CA ALA A 332 40.03 -7.07 -15.78
C ALA A 332 40.77 -5.89 -16.43
N LEU A 333 40.60 -5.73 -17.73
CA LEU A 333 41.33 -4.70 -18.47
C LEU A 333 40.80 -3.29 -18.16
N ALA A 334 41.74 -2.38 -17.95
CA ALA A 334 41.41 -0.96 -17.77
C ALA A 334 41.23 -0.29 -19.12
N LEU A 335 40.21 0.54 -19.24
CA LEU A 335 39.96 1.27 -20.48
C LEU A 335 39.97 2.78 -20.26
N PRO A 336 41.15 3.40 -20.39
CA PRO A 336 41.36 4.84 -20.26
C PRO A 336 40.64 5.63 -21.35
N ASN A 337 40.40 4.97 -22.48
CA ASN A 337 39.59 5.52 -23.55
C ASN A 337 38.87 4.40 -24.29
N VAL A 338 37.84 4.76 -25.05
CA VAL A 338 37.15 3.80 -25.91
C VAL A 338 36.89 4.50 -27.25
N GLU A 339 37.10 3.78 -28.35
CA GLU A 339 36.89 4.37 -29.66
C GLU A 339 35.41 4.38 -30.03
N GLY A 340 34.70 3.32 -29.64
CA GLY A 340 33.28 3.22 -29.93
C GLY A 340 33.00 2.17 -31.00
N SER A 341 34.01 1.38 -31.32
CA SER A 341 33.80 0.16 -32.09
C SER A 341 32.93 -0.77 -31.25
N VAL A 342 31.88 -1.32 -31.86
CA VAL A 342 30.98 -2.21 -31.15
C VAL A 342 30.58 -3.41 -32.00
N SER A 343 30.82 -4.61 -31.48
CA SER A 343 30.61 -5.83 -32.24
C SER A 343 29.81 -6.90 -31.50
N PHE A 344 29.09 -7.72 -32.28
CA PHE A 344 28.39 -8.88 -31.76
C PHE A 344 28.76 -10.09 -32.63
N GLU A 345 29.17 -11.18 -32.01
CA GLU A 345 29.46 -12.42 -32.74
C GLU A 345 28.63 -13.59 -32.21
N ASN A 346 27.70 -14.05 -33.03
CA ASN A 346 26.84 -15.18 -32.69
C ASN A 346 26.18 -15.10 -31.32
N VAL A 347 25.71 -13.90 -30.99
CA VAL A 347 25.03 -13.66 -29.72
C VAL A 347 23.67 -14.33 -29.66
N GLU A 348 23.47 -15.14 -28.63
CA GLU A 348 22.14 -15.67 -28.35
C GLU A 348 21.81 -15.29 -26.92
N PHE A 349 20.56 -14.90 -26.68
CA PHE A 349 20.15 -14.55 -25.33
C PHE A 349 18.78 -15.05 -24.94
N ARG A 350 18.64 -15.39 -23.67
CA ARG A 350 17.38 -15.86 -23.11
C ARG A 350 17.25 -15.25 -21.72
N TYR A 351 16.04 -14.86 -21.33
CA TYR A 351 15.84 -14.34 -19.99
C TYR A 351 15.57 -15.47 -18.99
N PHE A 352 14.65 -16.35 -19.35
CA PHE A 352 14.36 -17.53 -18.56
C PHE A 352 14.56 -18.75 -19.45
N GLU A 353 15.03 -19.84 -18.86
CA GLU A 353 15.43 -21.01 -19.63
C GLU A 353 14.28 -21.93 -20.00
N ASN A 354 13.06 -21.43 -19.91
CA ASN A 354 11.88 -22.19 -20.30
C ASN A 354 11.32 -21.73 -21.64
N THR A 355 11.91 -20.67 -22.19
CA THR A 355 11.41 -20.08 -23.43
C THR A 355 12.40 -20.24 -24.59
N ASP A 356 11.96 -19.88 -25.79
CA ASP A 356 12.87 -19.83 -26.94
C ASP A 356 13.66 -18.52 -26.88
N PRO A 357 14.84 -18.47 -27.52
CA PRO A 357 15.72 -17.29 -27.43
C PRO A 357 15.07 -15.97 -27.87
N VAL A 358 15.46 -14.90 -27.19
CA VAL A 358 14.97 -13.56 -27.54
C VAL A 358 15.96 -12.89 -28.49
N LEU A 359 17.18 -13.41 -28.53
CA LEU A 359 18.17 -13.06 -29.55
C LEU A 359 18.86 -14.35 -29.97
N SER A 360 19.29 -14.42 -31.22
CA SER A 360 19.95 -15.63 -31.72
C SER A 360 20.69 -15.38 -33.02
N GLY A 361 21.94 -15.84 -33.06
CA GLY A 361 22.76 -15.70 -34.26
C GLY A 361 23.00 -14.26 -34.62
N VAL A 362 22.97 -13.37 -33.63
CA VAL A 362 23.23 -11.97 -33.87
C VAL A 362 24.69 -11.77 -34.25
N ASN A 363 24.91 -11.38 -35.50
CA ASN A 363 26.23 -11.05 -36.01
C ASN A 363 26.21 -9.70 -36.70
N PHE A 364 26.85 -8.71 -36.09
CA PHE A 364 27.06 -7.42 -36.75
C PHE A 364 28.11 -6.59 -36.03
N SER A 365 28.65 -5.62 -36.76
CA SER A 365 29.71 -4.76 -36.24
C SER A 365 29.39 -3.29 -36.55
N VAL A 366 30.01 -2.40 -35.81
CA VAL A 366 29.84 -0.96 -36.03
C VAL A 366 31.15 -0.24 -35.80
N LYS A 367 31.65 0.42 -36.84
CA LYS A 367 32.86 1.22 -36.77
C LYS A 367 32.62 2.42 -35.87
N PRO A 368 33.67 2.93 -35.22
CA PRO A 368 33.53 4.06 -34.30
C PRO A 368 33.02 5.33 -35.00
N GLY A 369 32.16 6.07 -34.32
CA GLY A 369 31.66 7.34 -34.83
C GLY A 369 30.32 7.26 -35.54
N SER A 370 29.93 6.06 -35.96
CA SER A 370 28.76 5.89 -36.80
C SER A 370 27.42 6.01 -36.07
N LEU A 371 26.43 6.49 -36.79
CA LEU A 371 25.07 6.62 -36.30
C LEU A 371 24.20 5.54 -36.94
N VAL A 372 23.78 4.57 -36.12
CA VAL A 372 23.03 3.42 -36.63
C VAL A 372 21.65 3.35 -35.99
N ALA A 373 20.62 3.20 -36.82
CA ALA A 373 19.28 2.98 -36.31
C ALA A 373 19.00 1.50 -36.18
N VAL A 374 18.74 1.06 -34.96
CA VAL A 374 18.26 -0.29 -34.70
C VAL A 374 16.74 -0.26 -34.75
N LEU A 375 16.17 -1.00 -35.70
CA LEU A 375 14.75 -0.89 -36.00
C LEU A 375 14.07 -2.25 -36.09
N GLY A 376 12.92 -2.37 -35.43
CA GLY A 376 12.15 -3.60 -35.48
C GLY A 376 10.80 -3.41 -34.81
N GLU A 377 9.89 -4.36 -34.99
CA GLU A 377 8.57 -4.27 -34.37
C GLU A 377 8.66 -4.48 -32.86
N THR A 378 7.50 -4.49 -32.21
CA THR A 378 7.42 -4.68 -30.78
C THR A 378 8.00 -6.04 -30.40
N GLY A 379 8.84 -6.06 -29.38
CA GLY A 379 9.41 -7.30 -28.87
C GLY A 379 10.27 -8.05 -29.87
N SER A 380 11.06 -7.31 -30.65
CA SER A 380 11.97 -7.92 -31.60
C SER A 380 13.31 -8.22 -30.94
N GLY A 381 13.60 -7.50 -29.86
CA GLY A 381 14.78 -7.76 -29.06
C GLY A 381 15.74 -6.60 -28.98
N LYS A 382 15.30 -5.43 -29.44
CA LYS A 382 16.17 -4.26 -29.56
C LYS A 382 16.74 -3.82 -28.21
N SER A 383 15.88 -3.73 -27.21
CA SER A 383 16.32 -3.27 -25.90
C SER A 383 17.30 -4.25 -25.27
N THR A 384 17.09 -5.54 -25.50
CA THR A 384 17.98 -6.55 -24.97
C THR A 384 19.34 -6.42 -25.65
N LEU A 385 19.32 -6.38 -26.98
CA LEU A 385 20.51 -6.22 -27.78
C LEU A 385 21.37 -5.06 -27.27
N MET A 386 20.73 -3.91 -27.04
CA MET A 386 21.44 -2.77 -26.50
C MET A 386 21.94 -3.01 -25.09
N ASN A 387 21.15 -3.71 -24.28
CA ASN A 387 21.52 -3.99 -22.91
C ASN A 387 22.80 -4.82 -22.76
N LEU A 388 23.10 -5.62 -23.76
CA LEU A 388 24.37 -6.34 -23.82
C LEU A 388 25.61 -5.43 -23.84
N ILE A 389 25.49 -4.26 -24.46
CA ILE A 389 26.67 -3.39 -24.65
C ILE A 389 27.29 -2.88 -23.35
N PRO A 390 26.48 -2.27 -22.47
CA PRO A 390 27.07 -2.09 -21.14
C PRO A 390 26.66 -3.31 -20.34
N ARG A 391 27.64 -4.10 -19.89
CA ARG A 391 27.36 -5.45 -19.38
C ARG A 391 26.25 -5.52 -18.33
N LEU A 392 25.01 -5.25 -18.74
CA LEU A 392 23.87 -5.36 -17.86
C LEU A 392 23.36 -6.79 -17.89
N ILE A 393 23.52 -7.42 -19.05
CA ILE A 393 23.26 -8.84 -19.20
C ILE A 393 24.42 -9.45 -19.98
N ASP A 394 24.52 -10.77 -20.00
CA ASP A 394 25.54 -11.46 -20.75
C ASP A 394 24.92 -12.35 -21.81
N PRO A 395 25.63 -12.53 -22.93
CA PRO A 395 25.16 -13.48 -23.95
C PRO A 395 25.09 -14.89 -23.37
N GLU A 396 24.09 -15.65 -23.79
CA GLU A 396 23.96 -17.05 -23.42
C GLU A 396 24.92 -17.83 -24.29
N ARG A 397 24.96 -17.46 -25.57
CA ARG A 397 25.92 -17.98 -26.52
C ARG A 397 26.51 -16.82 -27.33
N GLY A 398 27.77 -16.94 -27.70
CA GLY A 398 28.45 -15.91 -28.45
C GLY A 398 29.03 -14.87 -27.53
N ARG A 399 29.50 -13.76 -28.08
CA ARG A 399 30.02 -12.67 -27.24
C ARG A 399 29.77 -11.27 -27.81
N VAL A 400 30.17 -10.27 -27.03
CA VAL A 400 29.90 -8.87 -27.32
C VAL A 400 31.19 -8.11 -27.15
N GLU A 401 31.56 -7.30 -28.13
CA GLU A 401 32.84 -6.61 -28.04
C GLU A 401 32.73 -5.09 -28.13
N VAL A 402 33.66 -4.41 -27.46
CA VAL A 402 33.80 -2.96 -27.54
C VAL A 402 35.29 -2.66 -27.71
N ASP A 403 35.62 -2.02 -28.83
CA ASP A 403 37.00 -1.85 -29.30
C ASP A 403 37.70 -3.18 -29.46
N GLU A 404 36.96 -4.16 -30.00
CA GLU A 404 37.48 -5.52 -30.21
C GLU A 404 37.91 -6.24 -28.92
N LEU A 405 37.28 -5.90 -27.81
CA LEU A 405 37.56 -6.56 -26.53
C LEU A 405 36.28 -7.19 -26.02
N ASP A 406 36.32 -8.44 -25.59
CA ASP A 406 35.16 -9.01 -24.90
C ASP A 406 34.90 -8.19 -23.64
N VAL A 407 33.67 -7.74 -23.47
CA VAL A 407 33.33 -6.88 -22.32
C VAL A 407 33.47 -7.59 -20.97
N ARG A 408 33.39 -8.92 -20.96
CA ARG A 408 33.59 -9.71 -19.75
C ARG A 408 35.01 -9.56 -19.21
N THR A 409 35.87 -8.96 -20.03
CA THR A 409 37.30 -8.88 -19.79
C THR A 409 37.70 -7.52 -19.25
N VAL A 410 36.80 -6.55 -19.41
CA VAL A 410 37.12 -5.19 -19.03
C VAL A 410 36.41 -4.75 -17.75
N LYS A 411 37.05 -3.83 -17.02
CA LYS A 411 36.46 -3.22 -15.85
C LYS A 411 35.11 -2.60 -16.17
N LEU A 412 34.12 -2.88 -15.31
CA LEU A 412 32.77 -2.39 -15.49
C LEU A 412 32.65 -0.86 -15.35
N LYS A 413 33.40 -0.28 -14.42
CA LYS A 413 33.32 1.15 -14.19
C LYS A 413 33.88 1.89 -15.40
N ASP A 414 34.91 1.30 -15.99
CA ASP A 414 35.52 1.83 -17.20
C ASP A 414 34.56 1.74 -18.38
N LEU A 415 34.10 0.52 -18.66
CA LEU A 415 33.18 0.30 -19.78
C LEU A 415 31.92 1.17 -19.69
N ARG A 416 31.29 1.16 -18.52
CA ARG A 416 30.06 1.93 -18.32
C ARG A 416 30.30 3.43 -18.23
N GLY A 417 31.50 3.82 -17.87
CA GLY A 417 31.89 5.22 -17.83
C GLY A 417 32.00 5.85 -19.21
N HIS A 418 32.06 5.02 -20.25
CA HIS A 418 32.19 5.49 -21.63
C HIS A 418 30.90 5.28 -22.42
N ILE A 419 29.95 4.58 -21.83
CA ILE A 419 28.66 4.36 -22.47
C ILE A 419 27.58 5.19 -21.77
N SER A 420 26.79 5.93 -22.54
CA SER A 420 25.60 6.59 -22.02
C SER A 420 24.38 5.94 -22.66
N ALA A 421 23.44 5.51 -21.83
CA ALA A 421 22.18 5.01 -22.35
C ALA A 421 21.05 5.97 -22.00
N VAL A 422 19.95 5.86 -22.72
CA VAL A 422 18.72 6.57 -22.40
C VAL A 422 17.62 5.51 -22.46
N PRO A 423 17.28 4.93 -21.29
CA PRO A 423 16.35 3.81 -21.16
C PRO A 423 14.96 4.17 -21.62
N GLN A 424 14.20 3.19 -22.10
CA GLN A 424 12.80 3.41 -22.49
C GLN A 424 12.03 4.13 -21.38
N GLU A 425 11.79 3.42 -20.28
CA GLU A 425 11.16 4.03 -19.13
C GLU A 425 12.16 4.96 -18.46
N THR A 426 11.81 6.23 -18.37
CA THR A 426 12.72 7.23 -17.83
C THR A 426 12.57 7.37 -16.31
N VAL A 427 13.71 7.46 -15.63
CA VAL A 427 13.74 7.61 -14.19
C VAL A 427 14.64 8.76 -13.77
N LEU A 428 14.10 9.68 -12.97
CA LEU A 428 14.90 10.75 -12.38
C LEU A 428 15.00 10.54 -10.88
N PHE A 429 15.87 11.28 -10.22
CA PHE A 429 16.11 11.11 -8.79
C PHE A 429 15.96 12.40 -7.99
N SER A 430 15.51 12.28 -6.75
CA SER A 430 15.23 13.42 -5.87
C SER A 430 16.40 14.41 -5.74
N GLY A 431 16.05 15.69 -5.62
CA GLY A 431 17.03 16.74 -5.58
C GLY A 431 16.74 17.82 -6.61
N THR A 432 17.78 18.37 -7.22
CA THR A 432 17.62 19.44 -8.20
C THR A 432 17.84 18.94 -9.63
N ILE A 433 17.35 19.70 -10.61
CA ILE A 433 17.61 19.39 -12.01
C ILE A 433 19.11 19.33 -12.29
N LYS A 434 19.83 20.33 -11.80
CA LYS A 434 21.28 20.39 -11.98
C LYS A 434 21.99 19.19 -11.35
N GLU A 435 21.45 18.67 -10.26
CA GLU A 435 22.02 17.48 -9.64
C GLU A 435 21.81 16.24 -10.52
N ASN A 436 20.59 16.06 -11.00
CA ASN A 436 20.28 14.97 -11.91
C ASN A 436 21.16 15.01 -13.17
N LEU A 437 21.26 16.18 -13.80
CA LEU A 437 22.03 16.34 -15.03
C LEU A 437 23.53 16.09 -14.84
N LYS A 438 24.02 16.27 -13.62
CA LYS A 438 25.44 16.07 -13.33
C LYS A 438 25.77 14.63 -12.93
N TRP A 439 24.79 13.74 -13.05
CA TRP A 439 25.00 12.32 -12.81
C TRP A 439 26.12 11.71 -13.68
N GLY A 440 26.43 12.35 -14.79
CA GLY A 440 27.48 11.86 -15.68
C GLY A 440 28.82 12.50 -15.40
N ARG A 441 28.78 13.70 -14.82
CA ARG A 441 29.99 14.46 -14.52
C ARG A 441 29.73 15.40 -13.34
N GLU A 442 30.40 15.17 -12.22
CA GLU A 442 30.23 16.02 -11.07
C GLU A 442 31.16 17.24 -11.13
N ASP A 443 32.07 17.25 -12.10
CA ASP A 443 32.93 18.39 -12.32
C ASP A 443 32.38 19.27 -13.43
N ALA A 444 31.25 18.85 -14.00
CA ALA A 444 30.61 19.56 -15.09
C ALA A 444 30.24 20.98 -14.69
N THR A 445 30.60 21.94 -15.53
CA THR A 445 30.25 23.33 -15.28
C THR A 445 28.84 23.61 -15.79
N ASP A 446 28.30 24.77 -15.42
CA ASP A 446 26.93 25.12 -15.80
C ASP A 446 26.81 25.34 -17.31
N ASP A 447 27.85 25.93 -17.90
CA ASP A 447 27.86 26.15 -19.34
C ASP A 447 27.74 24.82 -20.07
N GLU A 448 28.47 23.82 -19.60
CA GLU A 448 28.47 22.50 -20.21
C GLU A 448 27.11 21.83 -20.06
N ILE A 449 26.47 22.06 -18.92
CA ILE A 449 25.15 21.52 -18.63
C ILE A 449 24.08 22.18 -19.49
N VAL A 450 24.08 23.52 -19.53
CA VAL A 450 23.18 24.27 -20.39
C VAL A 450 23.35 23.84 -21.86
N GLU A 451 24.60 23.63 -22.25
CA GLU A 451 24.91 23.14 -23.58
C GLU A 451 24.11 21.87 -23.90
N ALA A 452 24.29 20.86 -23.06
CA ALA A 452 23.61 19.58 -23.22
C ALA A 452 22.09 19.70 -23.20
N ALA A 453 21.57 20.50 -22.28
CA ALA A 453 20.14 20.73 -22.18
C ALA A 453 19.57 21.48 -23.40
N LYS A 454 20.38 22.35 -23.98
CA LYS A 454 19.98 23.04 -25.21
C LYS A 454 19.78 22.05 -26.36
N ILE A 455 20.76 21.18 -26.57
CA ILE A 455 20.65 20.12 -27.57
C ILE A 455 19.49 19.17 -27.26
N ALA A 456 19.24 18.95 -25.97
CA ALA A 456 18.15 18.09 -25.54
C ALA A 456 16.80 18.83 -25.49
N GLN A 457 16.80 20.09 -25.94
CA GLN A 457 15.58 20.88 -26.07
C GLN A 457 14.79 20.91 -24.75
N ILE A 458 15.50 21.19 -23.66
CA ILE A 458 14.88 21.21 -22.34
C ILE A 458 15.34 22.44 -21.55
N HIS A 459 16.40 23.08 -22.02
CA HIS A 459 16.97 24.25 -21.35
C HIS A 459 15.97 25.40 -21.20
N ASP A 460 15.01 25.49 -22.13
CA ASP A 460 14.06 26.60 -22.09
C ASP A 460 12.92 26.30 -21.11
N PHE A 461 12.61 25.02 -20.95
CA PHE A 461 11.64 24.61 -19.97
C PHE A 461 12.24 24.85 -18.58
N ILE A 462 13.51 24.47 -18.42
CA ILE A 462 14.20 24.62 -17.15
C ILE A 462 14.33 26.11 -16.80
N ILE A 463 14.69 26.91 -17.79
CA ILE A 463 14.98 28.32 -17.57
C ILE A 463 13.70 29.10 -17.22
N SER A 464 12.54 28.50 -17.50
CA SER A 464 11.24 29.11 -17.23
C SER A 464 10.67 28.62 -15.91
N LEU A 465 11.48 27.90 -15.14
CA LEU A 465 11.08 27.49 -13.81
C LEU A 465 11.54 28.56 -12.84
N PRO A 466 10.76 28.80 -11.77
CA PRO A 466 11.06 29.83 -10.77
C PRO A 466 12.47 29.71 -10.21
N GLU A 467 12.94 28.48 -10.02
CA GLU A 467 14.31 28.29 -9.53
C GLU A 467 15.20 27.70 -10.61
N GLY A 468 14.59 27.35 -11.74
CA GLY A 468 15.33 26.96 -12.92
C GLY A 468 16.08 25.66 -12.79
N TYR A 469 17.41 25.73 -12.89
CA TYR A 469 18.23 24.53 -12.80
C TYR A 469 18.29 24.00 -11.37
N ASP A 470 17.90 24.84 -10.43
CA ASP A 470 17.86 24.44 -9.03
C ASP A 470 16.46 24.04 -8.62
N SER A 471 15.56 23.95 -9.59
CA SER A 471 14.22 23.43 -9.36
C SER A 471 14.28 22.05 -8.70
N ARG A 472 13.20 21.68 -8.01
CA ARG A 472 13.17 20.44 -7.27
C ARG A 472 12.70 19.27 -8.12
N VAL A 473 13.49 18.20 -8.13
CA VAL A 473 13.08 16.93 -8.73
C VAL A 473 12.50 16.07 -7.61
N GLU A 474 11.25 15.65 -7.77
CA GLU A 474 10.58 14.84 -6.75
C GLU A 474 10.75 13.35 -7.07
N ARG A 475 10.61 12.50 -6.06
CA ARG A 475 10.92 11.08 -6.15
C ARG A 475 10.51 10.40 -7.45
N GLY A 476 11.51 10.00 -8.23
CA GLY A 476 11.26 9.33 -9.50
C GLY A 476 11.09 10.31 -10.65
N GLY A 477 10.97 11.59 -10.34
CA GLY A 477 10.72 12.60 -11.34
C GLY A 477 9.23 12.77 -11.58
N ARG A 478 8.44 12.48 -10.54
CA ARG A 478 6.98 12.47 -10.65
C ARG A 478 6.39 13.82 -11.01
N ASN A 479 7.08 14.89 -10.63
CA ASN A 479 6.57 16.25 -10.87
C ASN A 479 6.82 16.76 -12.30
N PHE A 480 7.57 16.00 -13.08
CA PHE A 480 7.78 16.34 -14.48
C PHE A 480 7.03 15.36 -15.38
N SER A 481 6.59 15.84 -16.55
CA SER A 481 5.86 14.99 -17.47
C SER A 481 6.81 14.00 -18.13
N GLY A 482 6.25 13.03 -18.83
CA GLY A 482 7.07 12.04 -19.52
C GLY A 482 7.94 12.68 -20.59
N GLY A 483 7.43 13.77 -21.15
CA GLY A 483 8.14 14.46 -22.20
C GLY A 483 9.40 15.14 -21.70
N GLN A 484 9.25 15.93 -20.64
CA GLN A 484 10.38 16.70 -20.13
C GLN A 484 11.37 15.82 -19.37
N LYS A 485 10.88 14.76 -18.74
CA LYS A 485 11.73 13.76 -18.09
C LYS A 485 12.66 13.11 -19.10
N GLN A 486 12.10 12.65 -20.22
CA GLN A 486 12.88 12.06 -21.29
C GLN A 486 13.99 13.00 -21.75
N ARG A 487 13.62 14.24 -22.06
CA ARG A 487 14.59 15.25 -22.48
C ARG A 487 15.63 15.51 -21.40
N LEU A 488 15.18 15.53 -20.14
CA LEU A 488 16.09 15.69 -19.01
C LEU A 488 17.15 14.59 -18.96
N SER A 489 16.75 13.36 -19.28
CA SER A 489 17.72 12.25 -19.23
C SER A 489 18.60 12.22 -20.48
N ILE A 490 18.08 12.75 -21.59
CA ILE A 490 18.88 12.92 -22.80
C ILE A 490 20.00 13.89 -22.52
N ALA A 491 19.64 15.02 -21.90
CA ALA A 491 20.64 15.99 -21.46
C ALA A 491 21.63 15.34 -20.50
N ARG A 492 21.08 14.58 -19.54
CA ARG A 492 21.86 13.84 -18.56
C ARG A 492 22.80 12.86 -19.24
N ALA A 493 22.32 12.22 -20.31
CA ALA A 493 23.16 11.33 -21.12
C ALA A 493 24.33 12.08 -21.76
N LEU A 494 24.04 13.25 -22.33
CA LEU A 494 25.03 14.04 -23.08
C LEU A 494 26.09 14.70 -22.20
N VAL A 495 25.73 15.09 -20.98
CA VAL A 495 26.70 15.72 -20.08
C VAL A 495 27.84 14.76 -19.76
N LYS A 496 27.55 13.46 -19.81
CA LYS A 496 28.56 12.42 -19.59
C LYS A 496 29.66 12.41 -20.65
N LYS A 497 29.39 13.03 -21.81
CA LYS A 497 30.29 13.02 -22.96
C LYS A 497 30.72 11.60 -23.35
N PRO A 498 29.77 10.77 -23.78
CA PRO A 498 30.05 9.35 -24.04
C PRO A 498 30.73 9.09 -25.37
N LYS A 499 31.44 7.96 -25.44
CA LYS A 499 32.00 7.48 -26.69
C LYS A 499 31.05 6.48 -27.33
N VAL A 500 30.09 6.00 -26.55
CA VAL A 500 28.97 5.23 -27.09
C VAL A 500 27.68 5.78 -26.50
N LEU A 501 26.66 5.97 -27.34
CA LEU A 501 25.42 6.58 -26.90
C LEU A 501 24.23 5.75 -27.38
N ILE A 502 23.45 5.26 -26.43
CA ILE A 502 22.28 4.45 -26.74
C ILE A 502 21.02 5.25 -26.44
N LEU A 503 20.13 5.32 -27.44
CA LEU A 503 18.87 6.02 -27.30
C LEU A 503 17.73 5.05 -27.51
N ASP A 504 17.34 4.36 -26.44
CA ASP A 504 16.33 3.31 -26.54
C ASP A 504 14.95 3.92 -26.62
N ASP A 505 14.47 4.12 -27.84
CA ASP A 505 13.09 4.52 -28.10
C ASP A 505 12.69 5.79 -27.37
N CYS A 506 13.64 6.73 -27.24
CA CYS A 506 13.43 7.92 -26.41
C CYS A 506 12.86 9.13 -27.15
N THR A 507 11.85 8.89 -27.96
CA THR A 507 11.13 9.95 -28.66
C THR A 507 9.64 9.75 -28.42
N SER A 508 9.32 8.90 -27.44
CA SER A 508 7.96 8.49 -27.17
C SER A 508 7.06 9.62 -26.70
N SER A 509 7.62 10.53 -25.90
CA SER A 509 6.80 11.55 -25.26
C SER A 509 7.11 12.97 -25.72
N VAL A 510 7.54 13.14 -26.96
CA VAL A 510 7.75 14.48 -27.50
C VAL A 510 7.01 14.67 -28.82
N ASP A 511 6.88 15.93 -29.23
CA ASP A 511 6.32 16.25 -30.54
C ASP A 511 7.17 15.64 -31.64
N PRO A 512 6.53 15.29 -32.77
CA PRO A 512 7.28 14.75 -33.92
C PRO A 512 8.31 15.75 -34.43
N ILE A 513 8.00 17.04 -34.31
CA ILE A 513 8.91 18.10 -34.76
C ILE A 513 10.05 18.32 -33.78
N THR A 514 9.73 18.39 -32.49
CA THR A 514 10.74 18.52 -31.43
C THR A 514 11.72 17.35 -31.49
N GLU A 515 11.24 16.20 -31.96
CA GLU A 515 12.06 15.01 -32.12
C GLU A 515 13.26 15.25 -33.03
N LYS A 516 13.01 15.86 -34.19
CA LYS A 516 14.08 16.09 -35.16
C LYS A 516 15.09 17.10 -34.64
N ARG A 517 14.59 18.10 -33.93
CA ARG A 517 15.43 19.11 -33.28
C ARG A 517 16.47 18.47 -32.36
N ILE A 518 16.03 17.51 -31.55
CA ILE A 518 16.96 16.81 -30.66
C ILE A 518 18.02 16.06 -31.46
N LEU A 519 17.57 15.22 -32.39
CA LEU A 519 18.47 14.32 -33.11
C LEU A 519 19.45 15.04 -34.04
N ASP A 520 19.04 16.18 -34.59
CA ASP A 520 19.91 16.99 -35.45
C ASP A 520 21.06 17.62 -34.68
N GLY A 521 20.82 17.91 -33.40
CA GLY A 521 21.81 18.57 -32.57
C GLY A 521 22.84 17.60 -32.03
N LEU A 522 22.48 16.31 -32.02
CA LEU A 522 23.41 15.28 -31.58
C LEU A 522 24.62 15.24 -32.50
N LYS A 523 24.36 15.38 -33.80
CA LYS A 523 25.40 15.34 -34.81
C LYS A 523 26.52 16.35 -34.56
N ARG A 524 26.15 17.50 -34.01
CA ARG A 524 27.13 18.56 -33.73
C ARG A 524 27.68 18.49 -32.31
N TYR A 525 27.19 17.54 -31.52
CA TYR A 525 27.62 17.42 -30.13
C TYR A 525 28.12 16.01 -29.83
N THR A 526 27.63 15.03 -30.60
CA THR A 526 28.16 13.68 -30.53
C THR A 526 29.19 13.50 -31.63
N LYS A 527 29.83 14.59 -31.99
CA LYS A 527 30.92 14.58 -32.97
C LYS A 527 32.02 13.67 -32.46
N GLY A 528 32.07 12.45 -32.99
CA GLY A 528 33.02 11.46 -32.53
C GLY A 528 32.37 10.62 -31.46
N CYS A 529 31.24 10.02 -31.81
CA CYS A 529 30.50 9.19 -30.87
C CYS A 529 29.62 8.21 -31.61
N THR A 530 29.93 6.93 -31.47
CA THR A 530 29.10 5.86 -31.97
C THR A 530 27.70 5.95 -31.37
N THR A 531 26.70 6.20 -32.19
CA THR A 531 25.34 6.38 -31.70
C THR A 531 24.38 5.30 -32.20
N PHE A 532 23.60 4.76 -31.27
CA PHE A 532 22.50 3.87 -31.63
C PHE A 532 21.18 4.57 -31.34
N ILE A 533 20.27 4.52 -32.30
CA ILE A 533 18.96 5.12 -32.16
C ILE A 533 17.90 4.06 -32.42
N ILE A 534 17.24 3.64 -31.35
CA ILE A 534 16.34 2.49 -31.39
C ILE A 534 14.91 2.96 -31.57
N THR A 535 14.19 2.34 -32.50
CA THR A 535 12.86 2.79 -32.86
C THR A 535 12.07 1.67 -33.52
N GLN A 536 10.75 1.75 -33.43
CA GLN A 536 9.88 0.81 -34.13
C GLN A 536 9.25 1.45 -35.37
N LYS A 537 9.70 2.66 -35.68
CA LYS A 537 9.12 3.41 -36.80
C LYS A 537 10.16 3.89 -37.84
N ILE A 538 9.82 3.73 -39.10
CA ILE A 538 10.75 4.00 -40.20
C ILE A 538 11.25 5.44 -40.36
N PRO A 539 10.35 6.44 -40.29
CA PRO A 539 10.82 7.84 -40.37
C PRO A 539 11.95 8.16 -39.41
N THR A 540 11.86 7.72 -38.17
CA THR A 540 12.94 7.93 -37.20
C THR A 540 14.22 7.21 -37.63
N ALA A 541 14.09 5.98 -38.10
CA ALA A 541 15.25 5.19 -38.50
C ALA A 541 15.97 5.80 -39.71
N LEU A 542 15.23 6.52 -40.55
CA LEU A 542 15.81 7.14 -41.73
C LEU A 542 16.79 8.26 -41.40
N LEU A 543 16.77 8.72 -40.16
CA LEU A 543 17.70 9.77 -39.74
C LEU A 543 19.12 9.25 -39.59
N ALA A 544 19.25 7.95 -39.35
CA ALA A 544 20.55 7.34 -39.18
C ALA A 544 21.18 6.91 -40.50
N ASP A 545 22.50 6.71 -40.49
CA ASP A 545 23.26 6.40 -41.70
C ASP A 545 23.00 4.98 -42.19
N LYS A 546 22.78 4.07 -41.25
CA LYS A 546 22.57 2.67 -41.60
C LYS A 546 21.52 2.09 -40.66
N ILE A 547 20.65 1.23 -41.19
CA ILE A 547 19.56 0.68 -40.39
C ILE A 547 19.73 -0.81 -40.11
N LEU A 548 19.82 -1.15 -38.82
CA LEU A 548 19.86 -2.54 -38.39
C LEU A 548 18.44 -3.04 -38.13
N VAL A 549 18.01 -4.06 -38.85
CA VAL A 549 16.63 -4.52 -38.74
C VAL A 549 16.50 -5.85 -38.00
N LEU A 550 15.87 -5.80 -36.83
CA LEU A 550 15.57 -7.00 -36.05
C LEU A 550 14.13 -7.44 -36.30
N HIS A 551 13.94 -8.74 -36.46
CA HIS A 551 12.60 -9.32 -36.51
C HIS A 551 12.57 -10.66 -35.81
N GLU A 552 11.76 -10.75 -34.75
CA GLU A 552 11.63 -11.97 -33.97
C GLU A 552 12.97 -12.47 -33.43
N GLY A 553 13.80 -11.54 -32.96
CA GLY A 553 15.02 -11.89 -32.26
C GLY A 553 16.24 -12.10 -33.12
N LYS A 554 16.04 -12.03 -34.44
CA LYS A 554 17.13 -12.25 -35.38
C LYS A 554 17.36 -10.97 -36.18
N VAL A 555 18.57 -10.79 -36.69
CA VAL A 555 18.88 -9.65 -37.55
C VAL A 555 18.48 -9.93 -39.00
N ALA A 556 17.61 -9.09 -39.55
CA ALA A 556 17.03 -9.33 -40.85
C ALA A 556 17.81 -8.67 -41.98
N GLY A 557 18.34 -7.48 -41.71
CA GLY A 557 19.08 -6.72 -42.69
C GLY A 557 19.90 -5.64 -42.03
N PHE A 558 20.87 -5.12 -42.76
CA PHE A 558 21.76 -4.08 -42.23
C PHE A 558 22.29 -3.24 -43.37
N GLY A 559 21.59 -2.14 -43.66
CA GLY A 559 21.98 -1.24 -44.71
C GLY A 559 21.11 0.00 -44.73
N THR A 560 20.92 0.55 -45.93
CA THR A 560 20.13 1.76 -46.11
C THR A 560 18.75 1.45 -46.65
N HIS A 561 17.89 2.46 -46.66
CA HIS A 561 16.48 2.30 -47.04
C HIS A 561 16.25 1.61 -48.37
N LYS A 562 17.08 1.95 -49.36
CA LYS A 562 16.94 1.37 -50.69
C LYS A 562 17.28 -0.12 -50.68
N GLU A 563 18.40 -0.47 -50.05
CA GLU A 563 18.84 -1.85 -49.96
C GLU A 563 17.82 -2.70 -49.22
N LEU A 564 17.41 -2.21 -48.05
CA LEU A 564 16.48 -2.92 -47.19
C LEU A 564 15.08 -3.06 -47.79
N LEU A 565 14.68 -2.07 -48.58
CA LEU A 565 13.34 -2.10 -49.19
C LEU A 565 13.29 -3.19 -50.25
N GLU A 566 14.44 -3.55 -50.80
CA GLU A 566 14.51 -4.56 -51.85
C GLU A 566 14.71 -5.97 -51.29
N HIS A 567 15.64 -6.11 -50.36
CA HIS A 567 16.06 -7.43 -49.92
C HIS A 567 15.50 -7.86 -48.57
N CYS A 568 15.34 -6.89 -47.66
CA CYS A 568 14.87 -7.19 -46.31
C CYS A 568 13.35 -7.21 -46.20
N LYS A 569 12.79 -8.42 -46.22
CA LYS A 569 11.33 -8.59 -46.17
C LYS A 569 10.65 -8.10 -44.88
N PRO A 570 11.27 -8.33 -43.71
CA PRO A 570 10.68 -7.72 -42.50
C PRO A 570 10.65 -6.20 -42.55
N TYR A 571 11.57 -5.59 -43.31
CA TYR A 571 11.57 -4.14 -43.48
C TYR A 571 10.39 -3.72 -44.35
N ARG A 572 9.98 -4.58 -45.27
CA ARG A 572 8.84 -4.30 -46.13
C ARG A 572 7.56 -4.33 -45.32
N GLU A 573 7.45 -5.30 -44.43
CA GLU A 573 6.27 -5.45 -43.59
C GLU A 573 6.06 -4.23 -42.69
N ILE A 574 7.16 -3.69 -42.18
CA ILE A 574 7.12 -2.48 -41.38
C ILE A 574 6.68 -1.29 -42.23
N TYR A 575 7.27 -1.20 -43.42
CA TYR A 575 6.91 -0.16 -44.38
C TYR A 575 5.46 -0.26 -44.79
N GLU A 576 4.99 -1.49 -44.97
CA GLU A 576 3.60 -1.73 -45.37
C GLU A 576 2.64 -1.31 -44.26
N SER A 577 3.04 -1.53 -43.01
CA SER A 577 2.18 -1.25 -41.87
C SER A 577 2.14 0.25 -41.56
N GLN A 578 3.12 1.00 -42.07
CA GLN A 578 3.20 2.43 -41.78
C GLN A 578 2.84 3.31 -42.98
N PHE A 579 3.12 2.82 -44.19
CA PHE A 579 2.80 3.56 -45.41
C PHE A 579 2.08 2.66 -46.42
N GLY B 10 -1.16 4.69 15.84
CA GLY B 10 0.02 5.39 16.31
C GLY B 10 -0.33 6.75 16.88
N PRO B 11 0.58 7.33 17.67
CA PRO B 11 0.38 8.64 18.31
C PRO B 11 -0.13 9.70 17.34
N ILE B 12 -1.29 10.27 17.64
CA ILE B 12 -1.92 11.27 16.79
C ILE B 12 -1.04 12.51 16.66
N LEU B 13 -1.13 13.18 15.50
CA LEU B 13 -0.29 14.33 15.23
C LEU B 13 -0.91 15.61 15.78
N GLU B 14 -2.11 15.94 15.29
CA GLU B 14 -2.86 17.08 15.79
C GLU B 14 -4.31 16.69 15.91
N LYS B 15 -5.04 17.36 16.79
CA LYS B 15 -6.46 17.11 16.97
C LYS B 15 -7.21 17.61 15.74
N PRO B 16 -8.18 16.83 15.25
CA PRO B 16 -8.90 17.17 14.02
C PRO B 16 -9.84 18.37 14.18
N ALA B 17 -9.81 19.28 13.21
CA ALA B 17 -10.72 20.42 13.19
C ALA B 17 -12.14 19.94 12.92
N LEU B 18 -13.12 20.58 13.56
CA LEU B 18 -14.50 20.14 13.44
C LEU B 18 -15.40 21.26 12.92
N LYS B 19 -16.11 20.98 11.84
CA LYS B 19 -17.11 21.91 11.32
C LYS B 19 -18.46 21.58 11.95
N ASN B 20 -18.58 21.88 13.24
CA ASN B 20 -19.72 21.47 14.06
C ASN B 20 -19.90 19.95 14.09
N PRO B 21 -19.28 19.29 15.06
CA PRO B 21 -19.33 17.83 15.21
C PRO B 21 -20.73 17.30 15.53
N THR B 22 -21.54 18.11 16.20
CA THR B 22 -22.88 17.70 16.61
C THR B 22 -23.78 17.43 15.40
N ALA B 23 -23.72 18.30 14.40
CA ALA B 23 -24.50 18.12 13.18
C ALA B 23 -24.13 16.81 12.48
N THR B 24 -22.84 16.53 12.41
CA THR B 24 -22.38 15.26 11.84
C THR B 24 -22.73 14.11 12.77
N LEU B 25 -22.68 14.36 14.07
CA LEU B 25 -23.07 13.37 15.07
C LEU B 25 -24.55 13.03 14.91
N ARG B 26 -25.39 14.06 14.88
CA ARG B 26 -26.81 13.90 14.61
C ARG B 26 -27.04 13.01 13.40
N ARG B 27 -26.39 13.38 12.29
CA ARG B 27 -26.51 12.66 11.03
C ARG B 27 -26.07 11.21 11.15
N LEU B 28 -24.93 11.00 11.81
CA LEU B 28 -24.39 9.66 11.98
C LEU B 28 -25.27 8.81 12.88
N LEU B 29 -25.94 9.45 13.84
CA LEU B 29 -26.86 8.75 14.71
C LEU B 29 -28.11 8.31 13.95
N GLY B 30 -28.35 8.93 12.80
CA GLY B 30 -29.48 8.60 11.97
C GLY B 30 -29.37 7.20 11.39
N TYR B 31 -28.14 6.73 11.26
CA TYR B 31 -27.87 5.39 10.77
C TYR B 31 -28.16 4.36 11.87
N LEU B 32 -28.30 4.84 13.10
CA LEU B 32 -28.52 3.97 14.25
C LEU B 32 -29.99 3.89 14.66
N ARG B 33 -30.82 4.75 14.06
CA ARG B 33 -32.25 4.80 14.36
C ARG B 33 -33.04 3.50 14.13
N PRO B 34 -32.82 2.79 13.01
CA PRO B 34 -33.61 1.57 12.84
C PRO B 34 -33.29 0.49 13.86
N HIS B 35 -32.11 0.58 14.47
CA HIS B 35 -31.68 -0.41 15.46
C HIS B 35 -31.58 0.20 16.86
N THR B 36 -32.55 1.03 17.23
CA THR B 36 -32.54 1.71 18.51
C THR B 36 -32.85 0.77 19.67
N PHE B 37 -33.91 -0.01 19.51
CA PHE B 37 -34.32 -1.00 20.52
C PHE B 37 -33.18 -1.94 20.86
N THR B 38 -32.44 -2.35 19.85
CA THR B 38 -31.30 -3.26 20.02
C THR B 38 -30.12 -2.55 20.67
N LEU B 39 -29.99 -1.25 20.41
CA LEU B 39 -28.86 -0.48 20.91
C LEU B 39 -29.04 -0.12 22.38
N ILE B 40 -30.29 0.05 22.80
CA ILE B 40 -30.58 0.27 24.22
C ILE B 40 -30.24 -0.99 25.00
N MET B 41 -30.68 -2.12 24.48
CA MET B 41 -30.44 -3.43 25.08
C MET B 41 -28.96 -3.68 25.36
N VAL B 42 -28.10 -3.22 24.46
CA VAL B 42 -26.66 -3.40 24.64
C VAL B 42 -26.13 -2.52 25.76
N PHE B 43 -26.58 -1.28 25.79
CA PHE B 43 -26.14 -0.33 26.82
C PHE B 43 -26.47 -0.81 28.23
N VAL B 44 -27.61 -1.46 28.40
CA VAL B 44 -27.95 -2.00 29.72
C VAL B 44 -27.18 -3.29 30.01
N PHE B 45 -26.83 -4.02 28.94
CA PHE B 45 -26.00 -5.22 29.10
C PHE B 45 -24.62 -4.81 29.56
N VAL B 46 -24.03 -3.86 28.83
CA VAL B 46 -22.74 -3.30 29.20
C VAL B 46 -22.79 -2.71 30.60
N THR B 47 -23.92 -2.12 30.95
CA THR B 47 -24.12 -1.54 32.27
C THR B 47 -24.11 -2.60 33.37
N VAL B 48 -24.97 -3.61 33.26
CA VAL B 48 -25.04 -4.65 34.27
C VAL B 48 -23.79 -5.51 34.32
N SER B 49 -23.20 -5.78 33.16
CA SER B 49 -22.02 -6.64 33.10
C SER B 49 -20.80 -5.94 33.68
N SER B 50 -20.84 -4.61 33.72
CA SER B 50 -19.75 -3.85 34.32
C SER B 50 -19.94 -3.74 35.82
N ILE B 51 -21.20 -3.66 36.25
CA ILE B 51 -21.50 -3.60 37.67
C ILE B 51 -21.16 -4.93 38.32
N LEU B 52 -21.64 -6.02 37.73
CA LEU B 52 -21.33 -7.37 38.20
C LEU B 52 -19.82 -7.61 38.22
N GLY B 53 -19.09 -6.87 37.41
CA GLY B 53 -17.65 -6.97 37.39
C GLY B 53 -16.98 -6.27 38.55
N VAL B 54 -17.65 -5.28 39.15
CA VAL B 54 -17.08 -4.59 40.31
C VAL B 54 -17.53 -5.27 41.58
N LEU B 55 -18.62 -6.04 41.46
CA LEU B 55 -19.16 -6.78 42.59
C LEU B 55 -18.28 -7.95 42.95
N SER B 56 -17.71 -8.60 41.93
CA SER B 56 -16.85 -9.76 42.14
C SER B 56 -15.80 -9.60 43.25
N PRO B 57 -14.93 -8.58 43.17
CA PRO B 57 -13.92 -8.47 44.23
C PRO B 57 -14.51 -8.11 45.60
N TYR B 58 -15.73 -7.58 45.62
CA TYR B 58 -16.41 -7.30 46.87
C TYR B 58 -16.80 -8.61 47.56
N LEU B 59 -17.40 -9.51 46.80
CA LEU B 59 -17.79 -10.82 47.32
C LEU B 59 -16.59 -11.65 47.77
N ILE B 60 -15.45 -11.45 47.12
CA ILE B 60 -14.23 -12.18 47.49
C ILE B 60 -13.75 -11.74 48.86
N GLY B 61 -13.96 -10.48 49.18
CA GLY B 61 -13.62 -9.97 50.48
C GLY B 61 -14.67 -10.42 51.48
N LYS B 62 -15.92 -10.40 51.03
CA LYS B 62 -17.04 -10.81 51.84
C LYS B 62 -16.98 -12.31 52.19
N THR B 63 -16.55 -13.13 51.23
CA THR B 63 -16.39 -14.56 51.48
C THR B 63 -15.31 -14.78 52.52
N ILE B 64 -14.19 -14.10 52.34
CA ILE B 64 -13.11 -14.15 53.32
C ILE B 64 -13.61 -13.78 54.72
N ASP B 65 -14.43 -12.73 54.80
CA ASP B 65 -14.90 -12.20 56.07
C ASP B 65 -15.98 -13.06 56.73
N VAL B 66 -16.79 -13.72 55.91
CA VAL B 66 -17.92 -14.49 56.39
C VAL B 66 -17.63 -15.99 56.45
N VAL B 67 -16.97 -16.53 55.42
CA VAL B 67 -16.76 -17.97 55.32
C VAL B 67 -15.42 -18.43 55.89
N PHE B 68 -14.35 -17.72 55.54
CA PHE B 68 -13.00 -18.16 55.90
C PHE B 68 -12.57 -17.79 57.32
N VAL B 69 -12.54 -16.49 57.62
CA VAL B 69 -12.08 -16.02 58.93
C VAL B 69 -12.82 -16.59 60.14
N PRO B 70 -14.16 -16.59 60.13
CA PRO B 70 -14.84 -17.16 61.32
C PRO B 70 -14.90 -18.68 61.29
N ARG B 71 -14.15 -19.30 60.37
CA ARG B 71 -14.15 -20.75 60.17
C ARG B 71 -15.52 -21.33 59.82
N ARG B 72 -16.48 -20.46 59.53
CA ARG B 72 -17.84 -20.88 59.22
C ARG B 72 -17.94 -21.44 57.81
N PHE B 73 -17.26 -22.56 57.56
CA PHE B 73 -17.13 -23.10 56.22
C PHE B 73 -18.41 -23.72 55.65
N ASP B 74 -19.40 -23.93 56.52
CA ASP B 74 -20.70 -24.43 56.10
C ASP B 74 -21.40 -23.49 55.14
N LEU B 75 -20.95 -22.24 55.11
CA LEU B 75 -21.53 -21.21 54.24
C LEU B 75 -20.80 -21.09 52.90
N LEU B 76 -19.76 -21.89 52.72
CA LEU B 76 -18.93 -21.84 51.51
C LEU B 76 -19.66 -22.18 50.20
N PRO B 77 -20.41 -23.30 50.16
CA PRO B 77 -21.06 -23.65 48.88
C PRO B 77 -22.08 -22.60 48.41
N ARG B 78 -22.59 -21.80 49.34
CA ARG B 78 -23.56 -20.76 49.01
C ARG B 78 -22.88 -19.56 48.38
N TYR B 79 -21.74 -19.17 48.93
CA TYR B 79 -20.98 -18.06 48.38
C TYR B 79 -20.36 -18.41 47.03
N MET B 80 -19.85 -19.63 46.89
CA MET B 80 -19.28 -20.09 45.64
C MET B 80 -20.34 -20.31 44.57
N LEU B 81 -21.58 -20.47 44.99
CA LEU B 81 -22.67 -20.63 44.03
C LEU B 81 -23.10 -19.27 43.48
N ILE B 82 -23.06 -18.24 44.32
CA ILE B 82 -23.40 -16.89 43.88
C ILE B 82 -22.35 -16.36 42.92
N LEU B 83 -21.08 -16.55 43.29
CA LEU B 83 -19.97 -16.18 42.44
C LEU B 83 -20.04 -16.86 41.09
N GLY B 84 -20.16 -18.19 41.13
CA GLY B 84 -20.22 -19.00 39.92
C GLY B 84 -21.31 -18.57 38.95
N THR B 85 -22.36 -17.94 39.45
CA THR B 85 -23.42 -17.44 38.59
C THR B 85 -23.19 -15.97 38.20
N ILE B 86 -22.53 -15.23 39.09
CA ILE B 86 -22.17 -13.84 38.79
C ILE B 86 -21.17 -13.83 37.63
N TYR B 87 -20.18 -14.72 37.72
CA TYR B 87 -19.22 -14.93 36.64
C TYR B 87 -19.91 -15.37 35.35
N ALA B 88 -20.69 -16.43 35.45
CA ALA B 88 -21.38 -16.99 34.28
C ALA B 88 -22.18 -15.93 33.53
N LEU B 89 -22.88 -15.08 34.28
CA LEU B 89 -23.66 -14.00 33.67
C LEU B 89 -22.77 -12.90 33.08
N THR B 90 -21.64 -12.64 33.73
CA THR B 90 -20.72 -11.62 33.24
C THR B 90 -20.20 -11.97 31.84
N SER B 91 -19.75 -13.22 31.67
CA SER B 91 -19.27 -13.68 30.37
C SER B 91 -20.41 -13.95 29.39
N LEU B 92 -21.61 -14.19 29.91
CA LEU B 92 -22.77 -14.37 29.05
C LEU B 92 -23.12 -13.03 28.41
N LEU B 93 -22.96 -11.97 29.20
CA LEU B 93 -23.28 -10.63 28.74
C LEU B 93 -22.23 -10.07 27.77
N PHE B 94 -20.97 -10.45 27.96
CA PHE B 94 -19.91 -10.03 27.04
C PHE B 94 -20.14 -10.63 25.67
N TRP B 95 -20.46 -11.92 25.64
CA TRP B 95 -20.73 -12.61 24.37
C TRP B 95 -21.93 -12.00 23.65
N LEU B 96 -22.97 -11.67 24.39
CA LEU B 96 -24.13 -11.02 23.80
C LEU B 96 -23.77 -9.63 23.29
N GLN B 97 -23.26 -8.79 24.18
CA GLN B 97 -22.87 -7.42 23.85
C GLN B 97 -21.94 -7.37 22.64
N GLY B 98 -21.02 -8.32 22.57
CA GLY B 98 -20.06 -8.37 21.48
C GLY B 98 -20.69 -8.78 20.17
N LYS B 99 -21.40 -9.90 20.16
CA LYS B 99 -21.95 -10.43 18.92
C LYS B 99 -23.13 -9.60 18.41
N ILE B 100 -23.77 -8.85 19.30
CA ILE B 100 -24.86 -7.98 18.89
C ILE B 100 -24.31 -6.77 18.15
N MET B 101 -23.28 -6.15 18.71
CA MET B 101 -22.65 -4.99 18.08
C MET B 101 -21.87 -5.39 16.83
N LEU B 102 -21.50 -6.66 16.73
CA LEU B 102 -20.75 -7.15 15.58
C LEU B 102 -21.54 -7.02 14.29
N THR B 103 -22.74 -7.58 14.27
CA THR B 103 -23.55 -7.51 13.06
C THR B 103 -24.44 -6.26 13.06
N LEU B 104 -24.20 -5.36 14.00
CA LEU B 104 -24.93 -4.10 14.05
C LEU B 104 -24.11 -3.03 13.35
N SER B 105 -22.83 -2.95 13.71
CA SER B 105 -21.96 -1.94 13.14
C SER B 105 -21.55 -2.32 11.71
N GLN B 106 -21.43 -3.61 11.46
CA GLN B 106 -21.13 -4.10 10.13
C GLN B 106 -22.28 -3.84 9.17
N ASP B 107 -23.49 -3.80 9.72
CA ASP B 107 -24.68 -3.49 8.92
C ASP B 107 -24.73 -2.00 8.59
N VAL B 108 -24.01 -1.19 9.37
CA VAL B 108 -23.97 0.25 9.15
C VAL B 108 -22.97 0.61 8.05
N VAL B 109 -21.74 0.14 8.21
CA VAL B 109 -20.70 0.42 7.24
C VAL B 109 -20.99 -0.26 5.91
N PHE B 110 -21.85 -1.27 5.93
CA PHE B 110 -22.33 -1.89 4.70
C PHE B 110 -23.14 -0.86 3.93
N ARG B 111 -24.00 -0.16 4.66
CA ARG B 111 -24.79 0.92 4.07
C ARG B 111 -23.88 2.04 3.55
N LEU B 112 -22.94 2.46 4.38
CA LEU B 112 -21.99 3.50 3.99
C LEU B 112 -21.18 3.10 2.77
N ARG B 113 -20.81 1.83 2.69
CA ARG B 113 -20.10 1.35 1.52
C ARG B 113 -20.99 1.34 0.28
N LYS B 114 -22.24 0.94 0.45
CA LYS B 114 -23.20 0.95 -0.64
C LYS B 114 -23.43 2.37 -1.17
N GLU B 115 -23.62 3.31 -0.24
CA GLU B 115 -23.92 4.69 -0.58
C GLU B 115 -22.74 5.39 -1.27
N LEU B 116 -21.54 5.20 -0.72
CA LEU B 116 -20.34 5.81 -1.30
C LEU B 116 -20.08 5.32 -2.73
N PHE B 117 -20.34 4.04 -2.97
CA PHE B 117 -20.12 3.50 -4.31
C PHE B 117 -21.15 4.01 -5.31
N GLU B 118 -22.37 4.20 -4.85
CA GLU B 118 -23.41 4.77 -5.71
C GLU B 118 -23.07 6.22 -6.05
N LYS B 119 -22.35 6.87 -5.14
CA LYS B 119 -21.91 8.24 -5.36
C LYS B 119 -20.84 8.26 -6.45
N LEU B 120 -20.08 7.18 -6.52
CA LEU B 120 -19.01 7.06 -7.50
C LEU B 120 -19.58 7.06 -8.92
N GLN B 121 -20.65 6.31 -9.12
CA GLN B 121 -21.24 6.13 -10.44
C GLN B 121 -22.10 7.31 -10.88
N ARG B 122 -22.19 8.33 -10.03
CA ARG B 122 -23.06 9.46 -10.32
C ARG B 122 -22.42 10.82 -10.07
N VAL B 123 -21.17 10.81 -9.61
CA VAL B 123 -20.43 12.05 -9.41
C VAL B 123 -19.79 12.45 -10.75
N PRO B 124 -19.61 13.76 -10.98
CA PRO B 124 -18.92 14.21 -12.19
C PRO B 124 -17.54 13.57 -12.35
N VAL B 125 -17.14 13.33 -13.59
CA VAL B 125 -15.89 12.66 -13.89
C VAL B 125 -14.67 13.49 -13.48
N GLY B 126 -14.90 14.78 -13.25
CA GLY B 126 -13.83 15.69 -12.88
C GLY B 126 -13.09 15.31 -11.62
N PHE B 127 -13.80 14.75 -10.64
CA PHE B 127 -13.19 14.38 -9.37
C PHE B 127 -12.18 13.25 -9.51
N PHE B 128 -12.34 12.44 -10.55
CA PHE B 128 -11.44 11.34 -10.82
C PHE B 128 -10.22 11.83 -11.58
N ASP B 129 -10.34 13.02 -12.15
CA ASP B 129 -9.27 13.63 -12.93
C ASP B 129 -8.43 14.57 -12.07
N ARG B 130 -9.01 15.07 -10.99
CA ARG B 130 -8.32 15.99 -10.09
C ARG B 130 -7.40 15.25 -9.11
N THR B 131 -7.99 14.37 -8.30
CA THR B 131 -7.23 13.65 -7.27
C THR B 131 -6.90 12.21 -7.68
N PRO B 132 -5.67 11.77 -7.35
CA PRO B 132 -5.19 10.41 -7.65
C PRO B 132 -6.12 9.34 -7.09
N HIS B 133 -6.26 8.24 -7.83
CA HIS B 133 -7.20 7.19 -7.46
C HIS B 133 -6.79 6.45 -6.18
N GLY B 134 -5.50 6.24 -6.01
CA GLY B 134 -4.99 5.57 -4.82
C GLY B 134 -5.29 6.37 -3.56
N ASP B 135 -5.22 7.69 -3.67
CA ASP B 135 -5.48 8.57 -2.54
C ASP B 135 -6.95 8.53 -2.11
N ILE B 136 -7.84 8.58 -3.10
CA ILE B 136 -9.26 8.68 -2.80
C ILE B 136 -9.88 7.36 -2.35
N ILE B 137 -9.12 6.28 -2.45
CA ILE B 137 -9.60 4.98 -1.96
C ILE B 137 -9.09 4.73 -0.55
N SER B 138 -7.80 4.97 -0.33
CA SER B 138 -7.22 4.83 1.00
C SER B 138 -7.87 5.78 1.99
N ARG B 139 -7.99 7.05 1.62
CA ARG B 139 -8.62 8.05 2.47
C ARG B 139 -10.08 7.70 2.79
N VAL B 140 -10.77 7.13 1.81
CA VAL B 140 -12.18 6.75 2.00
C VAL B 140 -12.33 5.45 2.79
N ILE B 141 -11.54 4.44 2.44
CA ILE B 141 -11.65 3.14 3.09
C ILE B 141 -11.14 3.16 4.55
N ASN B 142 -10.22 4.06 4.84
CA ASN B 142 -9.77 4.26 6.22
C ASN B 142 -10.84 4.97 7.03
N ASP B 143 -11.46 5.98 6.44
CA ASP B 143 -12.55 6.70 7.09
C ASP B 143 -13.71 5.76 7.42
N VAL B 144 -14.03 4.88 6.48
CA VAL B 144 -15.07 3.88 6.69
C VAL B 144 -14.68 2.91 7.81
N ASP B 145 -13.39 2.55 7.86
CA ASP B 145 -12.89 1.68 8.92
C ASP B 145 -12.88 2.36 10.28
N ASN B 146 -12.55 3.66 10.30
CA ASN B 146 -12.58 4.42 11.55
C ASN B 146 -13.97 4.43 12.18
N ILE B 147 -14.98 4.56 11.33
CA ILE B 147 -16.36 4.52 11.79
C ILE B 147 -16.66 3.12 12.31
N ASN B 148 -16.30 2.12 11.52
CA ASN B 148 -16.50 0.72 11.88
C ASN B 148 -15.85 0.35 13.21
N ASN B 149 -14.64 0.86 13.45
CA ASN B 149 -13.91 0.63 14.68
C ASN B 149 -14.64 1.23 15.87
N VAL B 150 -14.96 2.51 15.75
CA VAL B 150 -15.58 3.26 16.84
C VAL B 150 -17.01 2.78 17.13
N LEU B 151 -17.74 2.42 16.08
CA LEU B 151 -19.13 2.02 16.23
C LEU B 151 -19.29 0.65 16.87
N GLY B 152 -18.46 -0.30 16.46
CA GLY B 152 -18.59 -1.67 16.92
C GLY B 152 -17.82 -2.00 18.18
N ASN B 153 -16.85 -1.16 18.53
CA ASN B 153 -15.97 -1.45 19.65
C ASN B 153 -15.74 -0.28 20.60
N SER B 154 -15.16 0.80 20.08
CA SER B 154 -14.66 1.89 20.91
C SER B 154 -15.72 2.59 21.78
N ILE B 155 -16.93 2.75 21.25
CA ILE B 155 -17.98 3.45 21.99
C ILE B 155 -18.45 2.66 23.21
N ILE B 156 -18.83 1.40 23.01
CA ILE B 156 -19.32 0.59 24.13
C ILE B 156 -18.20 0.24 25.11
N GLN B 157 -16.96 0.24 24.64
CA GLN B 157 -15.84 -0.01 25.53
C GLN B 157 -15.53 1.24 26.37
N PHE B 158 -15.82 2.40 25.79
CA PHE B 158 -15.62 3.66 26.49
C PHE B 158 -16.70 3.85 27.55
N PHE B 159 -17.91 3.43 27.23
CA PHE B 159 -19.05 3.53 28.14
C PHE B 159 -18.86 2.58 29.31
N SER B 160 -18.45 1.34 29.01
CA SER B 160 -18.17 0.34 30.03
C SER B 160 -17.09 0.83 30.98
N GLY B 161 -16.08 1.49 30.44
CA GLY B 161 -15.01 2.05 31.23
C GLY B 161 -15.51 3.08 32.23
N ILE B 162 -16.55 3.81 31.85
CA ILE B 162 -17.13 4.82 32.73
C ILE B 162 -17.90 4.17 33.88
N VAL B 163 -18.80 3.24 33.55
CA VAL B 163 -19.61 2.57 34.55
C VAL B 163 -18.73 1.79 35.53
N THR B 164 -17.77 1.06 35.00
CA THR B 164 -16.81 0.31 35.81
C THR B 164 -16.05 1.21 36.77
N LEU B 165 -15.48 2.29 36.23
CA LEU B 165 -14.66 3.21 37.01
C LEU B 165 -15.46 3.87 38.13
N ALA B 166 -16.67 4.34 37.79
CA ALA B 166 -17.53 4.97 38.78
C ALA B 166 -18.04 3.93 39.78
N GLY B 167 -18.38 2.75 39.26
CA GLY B 167 -18.85 1.65 40.09
C GLY B 167 -17.85 1.27 41.16
N ALA B 168 -16.57 1.23 40.79
CA ALA B 168 -15.53 0.83 41.73
C ALA B 168 -15.25 1.90 42.79
N VAL B 169 -15.31 3.16 42.40
CA VAL B 169 -15.04 4.25 43.34
C VAL B 169 -16.17 4.38 44.36
N ILE B 170 -17.41 4.28 43.88
CA ILE B 170 -18.57 4.37 44.76
C ILE B 170 -18.55 3.27 45.83
N MET B 171 -18.31 2.03 45.39
CA MET B 171 -18.30 0.90 46.30
C MET B 171 -17.07 0.91 47.20
N MET B 172 -15.96 1.44 46.69
CA MET B 172 -14.76 1.62 47.48
C MET B 172 -15.05 2.54 48.67
N PHE B 173 -15.62 3.70 48.39
CA PHE B 173 -15.89 4.69 49.42
C PHE B 173 -16.91 4.24 50.45
N ARG B 174 -17.87 3.41 50.02
CA ARG B 174 -18.89 2.92 50.93
C ARG B 174 -18.36 1.79 51.82
N VAL B 175 -17.20 1.25 51.49
CA VAL B 175 -16.51 0.31 52.36
C VAL B 175 -15.63 1.05 53.36
N ASN B 176 -14.58 1.71 52.86
CA ASN B 176 -13.72 2.52 53.72
C ASN B 176 -13.26 3.79 53.00
N VAL B 177 -13.41 4.94 53.66
CA VAL B 177 -13.07 6.22 53.05
C VAL B 177 -11.57 6.47 52.97
N ILE B 178 -10.87 6.21 54.08
CA ILE B 178 -9.43 6.46 54.11
C ILE B 178 -8.67 5.58 53.12
N LEU B 179 -9.00 4.30 53.10
CA LEU B 179 -8.32 3.36 52.20
C LEU B 179 -8.66 3.66 50.75
N SER B 180 -9.83 4.27 50.54
CA SER B 180 -10.19 4.74 49.21
C SER B 180 -9.28 5.90 48.81
N LEU B 181 -9.07 6.82 49.74
CA LEU B 181 -8.17 7.95 49.50
C LEU B 181 -6.74 7.46 49.29
N VAL B 182 -6.37 6.39 49.97
CA VAL B 182 -5.04 5.81 49.76
C VAL B 182 -4.88 5.21 48.36
N THR B 183 -5.87 4.44 47.92
CA THR B 183 -5.83 3.82 46.60
C THR B 183 -5.89 4.86 45.48
N LEU B 184 -6.78 5.84 45.64
CA LEU B 184 -6.96 6.88 44.63
C LEU B 184 -5.78 7.84 44.58
N SER B 185 -4.82 7.63 45.47
CA SER B 185 -3.60 8.43 45.48
C SER B 185 -2.73 8.13 44.26
N ILE B 186 -2.92 6.96 43.66
CA ILE B 186 -2.11 6.58 42.49
C ILE B 186 -2.62 7.19 41.19
N VAL B 187 -3.84 7.72 41.21
CA VAL B 187 -4.39 8.38 40.03
C VAL B 187 -3.54 9.57 39.54
N PRO B 188 -3.22 10.53 40.43
CA PRO B 188 -2.38 11.64 39.97
C PRO B 188 -1.01 11.16 39.49
N LEU B 189 -0.56 10.03 40.01
CA LEU B 189 0.71 9.47 39.57
C LEU B 189 0.58 8.94 38.14
N THR B 190 -0.46 8.15 37.91
CA THR B 190 -0.79 7.63 36.59
C THR B 190 -0.90 8.73 35.53
N VAL B 191 -1.60 9.80 35.85
CA VAL B 191 -1.85 10.88 34.90
C VAL B 191 -0.58 11.69 34.61
N LEU B 192 0.18 11.96 35.66
CA LEU B 192 1.44 12.69 35.53
C LEU B 192 2.45 11.91 34.68
N ILE B 193 2.61 10.63 34.99
CA ILE B 193 3.54 9.77 34.26
C ILE B 193 3.12 9.63 32.80
N THR B 194 1.87 9.23 32.59
CA THR B 194 1.36 9.00 31.25
C THR B 194 1.50 10.25 30.37
N GLN B 195 1.09 11.40 30.90
CA GLN B 195 1.18 12.63 30.13
C GLN B 195 2.60 12.94 29.63
N ILE B 196 3.59 12.75 30.50
CA ILE B 196 4.97 13.02 30.14
C ILE B 196 5.47 12.04 29.08
N VAL B 197 5.30 10.75 29.34
CA VAL B 197 5.72 9.73 28.39
C VAL B 197 5.01 9.88 27.03
N SER B 198 3.76 10.30 27.08
CA SER B 198 2.92 10.43 25.88
C SER B 198 3.53 11.44 24.90
N SER B 199 3.91 12.60 25.42
CA SER B 199 4.46 13.68 24.59
C SER B 199 5.80 13.29 23.97
N GLN B 200 6.63 12.61 24.76
CA GLN B 200 7.93 12.13 24.28
C GLN B 200 7.75 11.09 23.18
N THR B 201 6.86 10.15 23.42
CA THR B 201 6.55 9.09 22.47
C THR B 201 6.10 9.72 21.16
N ARG B 202 5.18 10.67 21.25
CA ARG B 202 4.66 11.36 20.07
C ARG B 202 5.76 12.12 19.33
N LYS B 203 6.58 12.86 20.09
CA LYS B 203 7.71 13.58 19.52
C LYS B 203 8.62 12.66 18.69
N TYR B 204 9.19 11.65 19.32
CA TYR B 204 10.14 10.78 18.64
C TYR B 204 9.50 9.80 17.67
N PHE B 205 8.21 9.53 17.84
CA PHE B 205 7.49 8.75 16.84
C PHE B 205 7.59 9.46 15.49
N TYR B 206 7.25 10.74 15.48
CA TYR B 206 7.26 11.52 14.25
C TYR B 206 8.67 11.85 13.75
N GLU B 207 9.59 12.12 14.67
CA GLU B 207 10.98 12.35 14.29
C GLU B 207 11.55 11.10 13.60
N ASN B 208 11.17 9.93 14.10
CA ASN B 208 11.56 8.65 13.50
C ASN B 208 10.82 8.36 12.19
N GLN B 209 9.57 8.79 12.11
CA GLN B 209 8.76 8.61 10.92
C GLN B 209 9.30 9.47 9.77
N ARG B 210 9.83 10.62 10.13
CA ARG B 210 10.42 11.54 9.16
C ARG B 210 11.63 10.86 8.51
N VAL B 211 12.60 10.50 9.34
CA VAL B 211 13.84 9.90 8.86
C VAL B 211 13.60 8.57 8.14
N LEU B 212 12.63 7.79 8.61
CA LEU B 212 12.31 6.52 7.98
C LEU B 212 11.71 6.70 6.59
N GLY B 213 10.87 7.72 6.43
CA GLY B 213 10.19 7.94 5.16
C GLY B 213 11.16 8.42 4.10
N GLN B 214 12.18 9.12 4.56
CA GLN B 214 13.25 9.60 3.70
C GLN B 214 14.04 8.38 3.24
N LEU B 215 14.45 7.58 4.23
CA LEU B 215 15.24 6.40 4.00
C LEU B 215 14.51 5.43 3.07
N ASN B 216 13.22 5.24 3.33
CA ASN B 216 12.43 4.36 2.51
C ASN B 216 12.31 4.89 1.10
N GLY B 217 12.20 6.21 1.02
CA GLY B 217 12.18 6.89 -0.27
C GLY B 217 13.42 6.55 -1.09
N ILE B 218 14.59 6.69 -0.46
CA ILE B 218 15.87 6.39 -1.10
C ILE B 218 15.92 4.96 -1.60
N ILE B 219 15.29 4.05 -0.86
CA ILE B 219 15.27 2.63 -1.22
C ILE B 219 14.35 2.33 -2.39
N GLU B 220 13.13 2.86 -2.36
CA GLU B 220 12.14 2.57 -3.39
C GLU B 220 12.58 3.08 -4.77
N GLU B 221 13.19 4.27 -4.80
CA GLU B 221 13.57 4.85 -6.06
C GLU B 221 14.85 4.22 -6.60
N ASP B 222 15.76 3.87 -5.71
CA ASP B 222 17.04 3.29 -6.12
C ASP B 222 16.90 1.86 -6.62
N ILE B 223 15.90 1.15 -6.11
CA ILE B 223 15.62 -0.21 -6.59
C ILE B 223 14.88 -0.14 -7.92
N SER B 224 14.07 0.90 -8.08
CA SER B 224 13.28 1.06 -9.30
C SER B 224 14.13 1.59 -10.43
N GLY B 225 15.17 2.35 -10.07
CA GLY B 225 16.08 2.91 -11.06
C GLY B 225 17.49 2.37 -10.93
N LEU B 226 17.60 1.09 -10.57
CA LEU B 226 18.90 0.44 -10.41
C LEU B 226 19.66 0.46 -11.72
N THR B 227 18.96 0.12 -12.80
CA THR B 227 19.59 0.07 -14.12
C THR B 227 20.28 1.39 -14.46
N VAL B 228 19.65 2.50 -14.09
CA VAL B 228 20.26 3.82 -14.28
C VAL B 228 21.43 4.04 -13.31
N ILE B 229 21.25 3.66 -12.05
CA ILE B 229 22.30 3.77 -11.03
C ILE B 229 23.58 3.05 -11.44
N LYS B 230 23.42 1.88 -12.06
CA LYS B 230 24.57 1.13 -12.54
C LYS B 230 25.19 1.75 -13.80
N LEU B 231 24.35 2.23 -14.71
CA LEU B 231 24.83 2.89 -15.93
C LEU B 231 25.69 4.11 -15.62
N PHE B 232 25.36 4.80 -14.53
CA PHE B 232 26.09 5.99 -14.13
C PHE B 232 27.13 5.71 -13.06
N THR B 233 27.36 4.42 -12.84
CA THR B 233 28.24 3.92 -11.79
C THR B 233 28.07 4.71 -10.50
N ARG B 234 26.83 4.84 -10.05
CA ARG B 234 26.49 5.65 -8.88
C ARG B 234 26.37 4.83 -7.59
N GLU B 235 26.86 3.59 -7.59
CA GLU B 235 26.73 2.74 -6.40
C GLU B 235 27.23 3.39 -5.11
N GLU B 236 28.49 3.82 -5.11
CA GLU B 236 29.11 4.42 -3.94
C GLU B 236 28.38 5.67 -3.43
N LYS B 237 28.05 6.58 -4.34
CA LYS B 237 27.34 7.81 -3.96
C LYS B 237 25.96 7.49 -3.40
N GLU B 238 25.32 6.47 -3.96
CA GLU B 238 24.00 6.09 -3.47
C GLU B 238 24.15 5.44 -2.10
N MET B 239 25.18 4.61 -1.99
CA MET B 239 25.50 3.97 -0.72
C MET B 239 25.78 5.01 0.37
N GLU B 240 26.46 6.08 0.00
CA GLU B 240 26.82 7.12 0.98
C GLU B 240 25.58 7.90 1.41
N LYS B 241 24.63 8.03 0.49
CA LYS B 241 23.39 8.74 0.75
C LYS B 241 22.51 7.91 1.69
N PHE B 242 22.60 6.60 1.53
CA PHE B 242 21.85 5.67 2.35
C PHE B 242 22.41 5.67 3.78
N ASP B 243 23.73 5.54 3.86
CA ASP B 243 24.41 5.45 5.15
C ASP B 243 24.08 6.59 6.11
N ARG B 244 24.24 7.82 5.64
CA ARG B 244 24.05 8.97 6.52
C ARG B 244 22.62 9.08 7.07
N VAL B 245 21.64 8.71 6.25
CA VAL B 245 20.25 8.67 6.71
C VAL B 245 20.04 7.52 7.69
N ASN B 246 20.48 6.32 7.27
CA ASN B 246 20.36 5.09 8.05
C ASN B 246 21.01 5.25 9.41
N GLU B 247 22.21 5.83 9.44
CA GLU B 247 22.94 6.05 10.68
C GLU B 247 22.19 6.98 11.61
N SER B 248 21.38 7.84 11.03
CA SER B 248 20.61 8.80 11.79
C SER B 248 19.27 8.20 12.16
N LEU B 249 18.84 7.16 11.43
CA LEU B 249 17.62 6.45 11.76
C LEU B 249 17.87 5.55 12.95
N ARG B 250 19.06 4.96 12.97
CA ARG B 250 19.49 4.13 14.08
C ARG B 250 19.42 4.91 15.38
N LYS B 251 19.82 6.18 15.33
CA LYS B 251 19.88 7.01 16.53
C LYS B 251 18.51 7.46 17.00
N VAL B 252 17.64 7.83 16.05
CA VAL B 252 16.31 8.31 16.40
C VAL B 252 15.38 7.15 16.73
N GLY B 253 15.54 6.05 15.99
CA GLY B 253 14.67 4.90 16.15
C GLY B 253 14.83 4.28 17.52
N THR B 254 16.05 4.36 18.05
CA THR B 254 16.32 3.89 19.42
C THR B 254 15.52 4.72 20.43
N LYS B 255 15.47 6.03 20.22
CA LYS B 255 14.72 6.92 21.09
C LYS B 255 13.22 6.71 20.97
N ALA B 256 12.73 6.60 19.74
CA ALA B 256 11.31 6.33 19.53
C ALA B 256 10.93 5.00 20.17
N GLN B 257 11.85 4.05 20.13
CA GLN B 257 11.59 2.70 20.61
C GLN B 257 11.58 2.65 22.14
N ILE B 258 12.41 3.47 22.75
CA ILE B 258 12.49 3.60 24.20
C ILE B 258 11.22 4.19 24.81
N PHE B 259 10.81 5.36 24.32
CA PHE B 259 9.66 6.04 24.91
C PHE B 259 8.32 5.39 24.55
N SER B 260 8.30 4.62 23.47
CA SER B 260 7.10 3.88 23.11
C SER B 260 7.02 2.57 23.91
N GLY B 261 8.00 2.34 24.77
CA GLY B 261 8.07 1.07 25.50
C GLY B 261 8.25 1.16 27.02
N VAL B 262 8.20 2.37 27.57
CA VAL B 262 8.42 2.54 29.00
C VAL B 262 7.13 2.74 29.79
N LEU B 263 6.04 3.02 29.08
CA LEU B 263 4.74 3.19 29.73
C LEU B 263 4.25 1.88 30.36
N PRO B 264 4.46 0.72 29.70
CA PRO B 264 4.08 -0.50 30.40
C PRO B 264 4.82 -0.80 31.72
N PRO B 265 6.17 -0.72 31.76
CA PRO B 265 6.78 -0.96 33.08
C PRO B 265 6.41 0.13 34.07
N LEU B 266 6.15 1.33 33.57
CA LEU B 266 5.79 2.43 34.45
C LEU B 266 4.39 2.23 35.05
N MET B 267 3.44 1.84 34.21
CA MET B 267 2.09 1.51 34.66
C MET B 267 2.11 0.35 35.63
N ASN B 268 2.94 -0.64 35.32
CA ASN B 268 3.10 -1.79 36.18
C ASN B 268 3.54 -1.35 37.56
N MET B 269 4.55 -0.49 37.60
CA MET B 269 5.07 0.07 38.83
C MET B 269 3.98 0.75 39.65
N VAL B 270 3.11 1.51 38.99
CA VAL B 270 2.01 2.18 39.67
C VAL B 270 1.07 1.15 40.27
N ASN B 271 0.83 0.07 39.54
CA ASN B 271 0.05 -1.03 40.08
C ASN B 271 0.68 -1.66 41.33
N ASN B 272 1.97 -1.97 41.25
CA ASN B 272 2.71 -2.48 42.39
C ASN B 272 2.80 -1.47 43.53
N LEU B 273 2.79 -0.18 43.21
CA LEU B 273 2.83 0.83 44.25
C LEU B 273 1.48 0.91 44.95
N GLY B 274 0.42 0.55 44.24
CA GLY B 274 -0.92 0.55 44.79
C GLY B 274 -1.11 -0.67 45.67
N PHE B 275 -0.68 -1.80 45.14
CA PHE B 275 -0.71 -3.08 45.85
C PHE B 275 0.00 -2.93 47.19
N ALA B 276 1.18 -2.33 47.17
CA ALA B 276 1.96 -2.08 48.38
C ALA B 276 1.19 -1.22 49.38
N LEU B 277 0.64 -0.11 48.92
CA LEU B 277 -0.09 0.79 49.81
C LEU B 277 -1.32 0.14 50.43
N ILE B 278 -2.12 -0.54 49.61
CA ILE B 278 -3.30 -1.24 50.09
C ILE B 278 -2.91 -2.32 51.10
N SER B 279 -1.81 -3.01 50.83
CA SER B 279 -1.36 -4.07 51.72
C SER B 279 -0.81 -3.52 53.03
N GLY B 280 -0.05 -2.43 52.95
CA GLY B 280 0.51 -1.81 54.14
C GLY B 280 -0.50 -1.03 54.96
N PHE B 281 -1.14 -0.05 54.33
CA PHE B 281 -2.13 0.76 55.03
C PHE B 281 -3.38 -0.05 55.40
N GLY B 282 -3.72 -1.03 54.57
CA GLY B 282 -4.85 -1.90 54.85
C GLY B 282 -4.54 -2.78 56.04
N GLY B 283 -3.42 -3.49 55.95
CA GLY B 283 -2.96 -4.36 57.01
C GLY B 283 -2.77 -3.60 58.31
N TRP B 284 -2.45 -2.32 58.20
CA TRP B 284 -2.26 -1.50 59.39
C TRP B 284 -3.58 -0.93 59.88
N LEU B 285 -4.60 -0.98 59.03
CA LEU B 285 -5.96 -0.62 59.45
C LEU B 285 -6.71 -1.85 59.94
N ALA B 286 -6.18 -3.02 59.64
CA ALA B 286 -6.76 -4.27 60.10
C ALA B 286 -6.31 -4.52 61.53
N LEU B 287 -5.09 -4.06 61.83
CA LEU B 287 -4.52 -4.19 63.16
C LEU B 287 -5.06 -3.15 64.14
N LYS B 288 -6.17 -2.51 63.79
CA LYS B 288 -6.87 -1.59 64.67
C LYS B 288 -8.37 -1.79 64.54
N ASP B 289 -8.77 -2.92 63.98
CA ASP B 289 -10.18 -3.29 63.78
C ASP B 289 -10.99 -2.25 63.00
N ILE B 290 -10.30 -1.32 62.36
CA ILE B 290 -10.97 -0.28 61.57
C ILE B 290 -11.52 -0.86 60.27
N ILE B 291 -10.79 -1.82 59.71
CA ILE B 291 -11.26 -2.57 58.54
C ILE B 291 -11.07 -4.05 58.77
N THR B 292 -11.64 -4.86 57.88
CA THR B 292 -11.44 -6.30 57.96
C THR B 292 -10.32 -6.73 57.02
N VAL B 293 -9.96 -8.00 57.08
CA VAL B 293 -8.94 -8.54 56.17
C VAL B 293 -9.53 -8.70 54.77
N GLY B 294 -10.75 -9.22 54.70
CA GLY B 294 -11.45 -9.35 53.44
C GLY B 294 -11.58 -8.02 52.73
N THR B 295 -11.70 -6.95 53.52
CA THR B 295 -11.71 -5.61 52.97
C THR B 295 -10.42 -5.34 52.18
N ILE B 296 -9.29 -5.71 52.76
CA ILE B 296 -7.98 -5.56 52.10
C ILE B 296 -7.95 -6.33 50.79
N ALA B 297 -8.49 -7.55 50.82
CA ALA B 297 -8.59 -8.37 49.61
C ALA B 297 -9.39 -7.67 48.51
N THR B 298 -10.47 -7.02 48.89
CA THR B 298 -11.37 -6.33 47.97
C THR B 298 -10.70 -5.12 47.34
N PHE B 299 -9.92 -4.40 48.13
CA PHE B 299 -9.25 -3.20 47.63
C PHE B 299 -8.10 -3.56 46.67
N ILE B 300 -7.39 -4.65 46.98
CA ILE B 300 -6.42 -5.22 46.06
C ILE B 300 -7.10 -5.52 44.73
N GLY B 301 -8.36 -5.94 44.81
CA GLY B 301 -9.15 -6.20 43.61
C GLY B 301 -9.49 -4.95 42.82
N TYR B 302 -9.02 -3.80 43.30
CA TYR B 302 -9.25 -2.53 42.63
C TYR B 302 -7.93 -1.81 42.32
N SER B 303 -6.81 -2.42 42.71
CA SER B 303 -5.52 -1.76 42.63
C SER B 303 -5.01 -1.51 41.21
N ARG B 304 -5.65 -2.16 40.23
CA ARG B 304 -5.25 -1.95 38.83
C ARG B 304 -6.35 -1.27 38.04
N GLN B 305 -7.34 -0.74 38.75
CA GLN B 305 -8.52 -0.17 38.12
C GLN B 305 -8.27 1.28 37.73
N PHE B 306 -7.13 1.82 38.15
CA PHE B 306 -6.86 3.26 37.96
C PHE B 306 -5.53 3.53 37.25
N THR B 307 -5.11 2.60 36.40
CA THR B 307 -3.94 2.80 35.56
C THR B 307 -4.34 2.75 34.09
N ARG B 308 -4.14 1.58 33.48
CA ARG B 308 -4.45 1.36 32.07
C ARG B 308 -5.91 1.60 31.63
N PRO B 309 -6.91 1.27 32.49
CA PRO B 309 -8.29 1.64 32.14
C PRO B 309 -8.53 3.15 32.00
N LEU B 310 -7.70 3.95 32.65
CA LEU B 310 -7.79 5.39 32.51
C LEU B 310 -7.24 5.78 31.16
N ASN B 311 -6.09 5.22 30.82
CA ASN B 311 -5.46 5.47 29.53
C ASN B 311 -6.33 4.97 28.38
N GLU B 312 -6.95 3.80 28.55
CA GLU B 312 -7.90 3.30 27.56
C GLU B 312 -9.03 4.28 27.32
N LEU B 313 -9.58 4.85 28.40
CA LEU B 313 -10.61 5.87 28.28
C LEU B 313 -10.08 7.08 27.52
N SER B 314 -8.84 7.46 27.84
CA SER B 314 -8.22 8.65 27.26
C SER B 314 -7.96 8.46 25.77
N ASN B 315 -7.69 7.23 25.36
CA ASN B 315 -7.40 6.92 23.96
C ASN B 315 -8.62 6.47 23.17
N GLN B 316 -9.60 5.91 23.86
CA GLN B 316 -10.88 5.60 23.22
C GLN B 316 -11.61 6.90 22.91
N PHE B 317 -11.36 7.91 23.72
CA PHE B 317 -11.96 9.21 23.50
C PHE B 317 -11.33 9.86 22.27
N ASN B 318 -10.03 9.61 22.07
CA ASN B 318 -9.33 10.17 20.92
C ASN B 318 -9.70 9.49 19.62
N MET B 319 -10.03 8.21 19.69
CA MET B 319 -10.51 7.50 18.51
C MET B 319 -11.91 7.98 18.12
N ILE B 320 -12.70 8.38 19.11
CA ILE B 320 -14.03 8.95 18.87
C ILE B 320 -13.91 10.21 18.03
N GLN B 321 -13.08 11.15 18.49
CA GLN B 321 -12.84 12.40 17.77
C GLN B 321 -12.39 12.10 16.35
N MET B 322 -11.37 11.25 16.24
CA MET B 322 -10.80 10.86 14.96
C MET B 322 -11.85 10.23 14.04
N ALA B 323 -12.84 9.58 14.65
CA ALA B 323 -13.91 8.94 13.89
C ALA B 323 -14.87 9.96 13.32
N LEU B 324 -15.33 10.87 14.19
CA LEU B 324 -16.25 11.93 13.80
C LEU B 324 -15.70 12.78 12.65
N ALA B 325 -14.41 13.05 12.67
CA ALA B 325 -13.75 13.77 11.58
C ALA B 325 -13.91 13.00 10.28
N SER B 326 -13.69 11.68 10.34
CA SER B 326 -13.86 10.81 9.19
C SER B 326 -15.31 10.74 8.75
N ALA B 327 -16.22 10.72 9.71
CA ALA B 327 -17.64 10.76 9.41
C ALA B 327 -17.96 12.05 8.67
N GLU B 328 -17.32 13.13 9.10
CA GLU B 328 -17.54 14.44 8.49
C GLU B 328 -17.05 14.46 7.04
N ARG B 329 -16.07 13.61 6.72
CA ARG B 329 -15.54 13.50 5.37
C ARG B 329 -16.45 12.66 4.49
N ILE B 330 -16.99 11.59 5.05
CA ILE B 330 -17.83 10.67 4.29
C ILE B 330 -19.14 11.33 3.90
N PHE B 331 -19.72 12.08 4.84
CA PHE B 331 -20.96 12.79 4.60
C PHE B 331 -20.84 13.84 3.49
N GLU B 332 -19.68 14.50 3.41
CA GLU B 332 -19.44 15.51 2.39
C GLU B 332 -19.34 14.90 1.00
N ILE B 333 -18.68 13.74 0.92
CA ILE B 333 -18.61 12.98 -0.32
C ILE B 333 -20.02 12.56 -0.75
N LEU B 334 -20.86 12.21 0.23
CA LEU B 334 -22.24 11.85 -0.05
C LEU B 334 -23.09 13.07 -0.43
N ASP B 335 -22.55 14.27 -0.20
CA ASP B 335 -23.29 15.50 -0.45
C ASP B 335 -22.89 16.19 -1.75
N LEU B 336 -21.91 15.62 -2.45
CA LEU B 336 -21.44 16.18 -3.72
C LEU B 336 -22.55 16.15 -4.77
N GLU B 337 -22.51 17.10 -5.70
CA GLU B 337 -23.49 17.18 -6.77
C GLU B 337 -23.43 15.98 -7.70
N GLU B 338 -24.57 15.62 -8.27
CA GLU B 338 -24.66 14.45 -9.13
C GLU B 338 -25.02 14.84 -10.55
N GLU B 339 -24.51 14.09 -11.52
CA GLU B 339 -24.88 14.30 -12.91
C GLU B 339 -26.34 13.90 -13.13
N LYS B 340 -27.21 14.91 -13.15
CA LYS B 340 -28.61 14.69 -13.44
C LYS B 340 -28.91 15.23 -14.83
N ASP B 341 -29.97 14.71 -15.45
CA ASP B 341 -30.39 15.20 -16.75
C ASP B 341 -31.22 16.47 -16.61
N ASP B 342 -32.09 16.71 -17.58
CA ASP B 342 -32.98 17.85 -17.55
C ASP B 342 -34.41 17.38 -17.82
N PRO B 343 -35.40 18.11 -17.28
CA PRO B 343 -36.80 17.74 -17.52
C PRO B 343 -37.18 17.90 -18.99
N ASP B 344 -36.46 18.76 -19.70
CA ASP B 344 -36.72 18.99 -21.12
C ASP B 344 -35.79 18.19 -22.03
N ALA B 345 -34.83 17.49 -21.42
CA ALA B 345 -33.93 16.63 -22.16
C ALA B 345 -34.70 15.46 -22.76
N VAL B 346 -34.53 15.24 -24.06
CA VAL B 346 -35.32 14.24 -24.77
C VAL B 346 -34.45 13.09 -25.27
N GLU B 347 -35.10 11.98 -25.61
CA GLU B 347 -34.43 10.81 -26.16
C GLU B 347 -34.05 11.08 -27.62
N LEU B 348 -32.99 10.45 -28.08
CA LEU B 348 -32.51 10.68 -29.44
C LEU B 348 -33.36 9.96 -30.48
N ARG B 349 -33.79 10.71 -31.49
CA ARG B 349 -34.44 10.14 -32.65
C ARG B 349 -33.40 9.37 -33.46
N GLU B 350 -33.85 8.37 -34.22
CA GLU B 350 -32.92 7.55 -34.99
C GLU B 350 -32.39 8.31 -36.20
N VAL B 351 -31.35 9.12 -35.99
CA VAL B 351 -30.70 9.84 -37.07
C VAL B 351 -29.41 9.15 -37.48
N ARG B 352 -28.68 9.74 -38.42
CA ARG B 352 -27.45 9.15 -38.93
C ARG B 352 -26.21 9.72 -38.24
N GLY B 353 -26.32 10.94 -37.72
CA GLY B 353 -25.28 11.50 -36.88
C GLY B 353 -24.62 12.78 -37.36
N GLU B 354 -25.26 13.91 -37.09
CA GLU B 354 -24.68 15.22 -37.39
C GLU B 354 -24.04 15.81 -36.14
N ILE B 355 -22.79 16.27 -36.27
CA ILE B 355 -22.07 16.87 -35.16
C ILE B 355 -21.70 18.32 -35.48
N GLU B 356 -21.76 19.19 -34.49
CA GLU B 356 -21.47 20.61 -34.71
C GLU B 356 -20.96 21.34 -33.46
N PHE B 357 -19.91 22.14 -33.65
CA PHE B 357 -19.40 23.01 -32.60
C PHE B 357 -19.61 24.48 -33.01
N LYS B 358 -19.97 25.32 -32.05
CA LYS B 358 -20.23 26.73 -32.34
C LYS B 358 -19.52 27.66 -31.37
N ASN B 359 -18.29 28.04 -31.71
CA ASN B 359 -17.49 28.95 -30.90
C ASN B 359 -17.32 28.51 -29.46
N VAL B 360 -16.92 27.26 -29.26
CA VAL B 360 -16.83 26.68 -27.92
C VAL B 360 -15.52 26.99 -27.19
N TRP B 361 -15.64 27.39 -25.93
CA TRP B 361 -14.48 27.64 -25.09
C TRP B 361 -14.53 26.73 -23.87
N PHE B 362 -13.40 26.10 -23.57
CA PHE B 362 -13.33 25.23 -22.41
C PHE B 362 -11.92 25.10 -21.86
N SER B 363 -11.84 24.96 -20.54
CA SER B 363 -10.58 24.70 -19.85
C SER B 363 -10.88 23.78 -18.67
N TYR B 364 -9.87 23.46 -17.87
CA TYR B 364 -10.08 22.57 -16.73
C TYR B 364 -10.00 23.31 -15.40
N ASP B 365 -8.99 24.16 -15.25
CA ASP B 365 -8.83 24.92 -14.01
C ASP B 365 -9.34 26.34 -14.15
N LYS B 366 -10.01 26.62 -15.28
CA LYS B 366 -10.62 27.92 -15.54
C LYS B 366 -9.63 29.07 -15.64
N LYS B 367 -8.33 28.79 -15.52
CA LYS B 367 -7.31 29.81 -15.63
C LYS B 367 -6.65 29.76 -17.00
N LYS B 368 -6.05 28.61 -17.31
CA LYS B 368 -5.45 28.39 -18.62
C LYS B 368 -6.45 27.73 -19.57
N PRO B 369 -6.81 28.43 -20.66
CA PRO B 369 -7.74 27.90 -21.65
C PRO B 369 -7.17 26.71 -22.41
N VAL B 370 -8.03 25.78 -22.81
CA VAL B 370 -7.59 24.60 -23.54
C VAL B 370 -8.14 24.62 -24.97
N LEU B 371 -9.42 24.92 -25.11
CA LEU B 371 -10.02 25.12 -26.43
C LEU B 371 -10.58 26.53 -26.55
N LYS B 372 -10.21 27.23 -27.62
CA LYS B 372 -10.62 28.60 -27.82
C LYS B 372 -11.26 28.79 -29.19
N ASP B 373 -12.55 29.13 -29.19
CA ASP B 373 -13.30 29.40 -30.42
C ASP B 373 -13.20 28.28 -31.45
N ILE B 374 -13.65 27.09 -31.07
CA ILE B 374 -13.69 25.96 -31.99
C ILE B 374 -15.05 25.86 -32.65
N THR B 375 -15.07 25.88 -33.98
CA THR B 375 -16.31 25.82 -34.74
C THR B 375 -16.10 24.96 -35.97
N PHE B 376 -16.85 23.86 -36.06
CA PHE B 376 -16.81 23.00 -37.24
C PHE B 376 -18.12 22.25 -37.42
N HIS B 377 -18.25 21.54 -38.55
CA HIS B 377 -19.48 20.83 -38.86
C HIS B 377 -19.20 19.48 -39.52
N ILE B 378 -19.86 18.44 -39.04
CA ILE B 378 -19.67 17.10 -39.57
C ILE B 378 -20.93 16.57 -40.26
N LYS B 379 -20.75 15.93 -41.40
CA LYS B 379 -21.84 15.35 -42.16
C LYS B 379 -21.91 13.84 -41.86
N PRO B 380 -23.14 13.31 -41.76
CA PRO B 380 -23.37 11.87 -41.51
C PRO B 380 -22.63 10.97 -42.50
N GLY B 381 -21.73 10.14 -41.98
CA GLY B 381 -21.01 9.18 -42.80
C GLY B 381 -19.55 9.55 -42.97
N GLN B 382 -19.24 10.84 -42.83
CA GLN B 382 -17.89 11.35 -43.07
C GLN B 382 -16.89 10.93 -41.99
N LYS B 383 -15.81 10.28 -42.40
CA LYS B 383 -14.68 10.06 -41.52
C LYS B 383 -13.91 11.36 -41.39
N VAL B 384 -13.79 11.86 -40.17
CA VAL B 384 -13.10 13.12 -39.91
C VAL B 384 -11.88 12.89 -39.04
N ALA B 385 -10.74 13.43 -39.45
CA ALA B 385 -9.49 13.27 -38.71
C ALA B 385 -9.01 14.59 -38.12
N LEU B 386 -9.07 14.69 -36.79
CA LEU B 386 -8.55 15.87 -36.10
C LEU B 386 -7.07 15.68 -35.74
N VAL B 387 -6.19 16.32 -36.52
CA VAL B 387 -4.75 16.20 -36.30
C VAL B 387 -4.19 17.40 -35.55
N GLY B 388 -2.98 17.25 -35.01
CA GLY B 388 -2.29 18.31 -34.31
C GLY B 388 -1.26 17.77 -33.35
N PRO B 389 -0.32 18.63 -32.92
CA PRO B 389 0.69 18.25 -31.92
C PRO B 389 0.11 18.21 -30.51
N THR B 390 0.95 17.91 -29.53
CA THR B 390 0.51 17.94 -28.13
C THR B 390 0.27 19.39 -27.71
N GLY B 391 -0.78 19.60 -26.92
CA GLY B 391 -1.15 20.95 -26.51
C GLY B 391 -2.21 21.53 -27.42
N SER B 392 -2.74 20.70 -28.31
CA SER B 392 -3.80 21.11 -29.22
C SER B 392 -5.15 21.11 -28.51
N GLY B 393 -5.68 19.92 -28.26
CA GLY B 393 -6.96 19.77 -27.61
C GLY B 393 -7.85 18.78 -28.32
N LYS B 394 -7.26 18.00 -29.21
CA LYS B 394 -7.98 16.98 -29.96
C LYS B 394 -8.50 15.89 -29.03
N THR B 395 -7.82 15.71 -27.91
CA THR B 395 -8.25 14.75 -26.91
C THR B 395 -9.37 15.34 -26.05
N THR B 396 -9.30 16.65 -25.81
CA THR B 396 -10.29 17.36 -25.02
C THR B 396 -11.65 17.36 -25.71
N ILE B 397 -11.65 17.19 -27.03
CA ILE B 397 -12.88 17.09 -27.81
C ILE B 397 -13.77 15.95 -27.32
N VAL B 398 -13.16 14.78 -27.12
CA VAL B 398 -13.89 13.58 -26.74
C VAL B 398 -14.70 13.76 -25.45
N ASN B 399 -14.06 14.37 -24.45
CA ASN B 399 -14.73 14.61 -23.17
C ASN B 399 -15.96 15.51 -23.31
N LEU B 400 -15.81 16.58 -24.06
CA LEU B 400 -16.89 17.55 -24.24
C LEU B 400 -18.03 16.94 -25.04
N LEU B 401 -17.69 16.06 -25.98
CA LEU B 401 -18.67 15.44 -26.86
C LEU B 401 -19.39 14.29 -26.16
N MET B 402 -18.76 13.75 -25.12
CA MET B 402 -19.36 12.70 -24.32
C MET B 402 -20.00 13.28 -23.06
N ARG B 403 -19.95 14.60 -22.95
CA ARG B 403 -20.46 15.33 -21.78
C ARG B 403 -19.87 14.87 -20.46
N PHE B 404 -18.63 14.37 -20.50
CA PHE B 404 -17.87 14.14 -19.29
C PHE B 404 -17.58 15.50 -18.67
N TYR B 405 -17.50 16.50 -19.54
CA TYR B 405 -17.39 17.90 -19.14
C TYR B 405 -18.39 18.72 -19.96
N ASP B 406 -18.62 19.95 -19.53
CA ASP B 406 -19.50 20.87 -20.24
C ASP B 406 -18.76 22.14 -20.65
N VAL B 407 -19.01 22.60 -21.88
CA VAL B 407 -18.36 23.80 -22.40
C VAL B 407 -18.71 25.04 -21.58
N ASP B 408 -17.80 26.02 -21.60
CA ASP B 408 -18.03 27.28 -20.91
C ASP B 408 -18.75 28.25 -21.83
N ARG B 409 -18.09 28.63 -22.93
CA ARG B 409 -18.71 29.46 -23.95
C ARG B 409 -19.02 28.60 -25.17
N GLY B 410 -19.92 29.07 -26.02
CA GLY B 410 -20.32 28.31 -27.19
C GLY B 410 -21.18 27.12 -26.86
N GLN B 411 -21.49 26.31 -27.86
CA GLN B 411 -22.33 25.14 -27.64
C GLN B 411 -22.08 24.00 -28.63
N ILE B 412 -22.18 22.78 -28.12
CA ILE B 412 -22.05 21.57 -28.94
C ILE B 412 -23.44 20.98 -29.14
N LEU B 413 -23.72 20.49 -30.34
CA LEU B 413 -25.02 19.89 -30.61
C LEU B 413 -24.96 18.73 -31.59
N VAL B 414 -25.77 17.71 -31.33
CA VAL B 414 -25.85 16.54 -32.19
C VAL B 414 -27.22 16.46 -32.84
N ASP B 415 -27.24 16.28 -34.16
CA ASP B 415 -28.48 16.13 -34.92
C ASP B 415 -29.49 17.26 -34.68
N GLY B 416 -28.99 18.46 -34.46
CA GLY B 416 -29.84 19.64 -34.42
C GLY B 416 -30.26 20.08 -33.04
N ILE B 417 -30.12 19.20 -32.06
CA ILE B 417 -30.48 19.52 -30.69
C ILE B 417 -29.21 19.66 -29.85
N ASP B 418 -29.19 20.65 -28.97
CA ASP B 418 -28.00 20.88 -28.13
C ASP B 418 -27.73 19.68 -27.24
N ILE B 419 -26.46 19.33 -27.12
CA ILE B 419 -26.03 18.14 -26.39
C ILE B 419 -26.39 18.22 -24.90
N ARG B 420 -26.50 19.44 -24.39
CA ARG B 420 -26.83 19.65 -22.98
C ARG B 420 -28.33 19.54 -22.75
N LYS B 421 -29.09 19.52 -23.84
CA LYS B 421 -30.53 19.35 -23.76
C LYS B 421 -30.91 17.94 -24.21
N ILE B 422 -29.93 17.04 -24.16
CA ILE B 422 -30.16 15.64 -24.49
C ILE B 422 -29.92 14.76 -23.26
N LYS B 423 -30.78 13.77 -23.05
CA LYS B 423 -30.56 12.78 -22.01
C LYS B 423 -29.21 12.11 -22.24
N ARG B 424 -28.40 12.02 -21.18
CA ARG B 424 -27.08 11.40 -21.28
C ARG B 424 -27.17 9.95 -21.70
N SER B 425 -28.27 9.29 -21.33
CA SER B 425 -28.47 7.88 -21.65
C SER B 425 -28.44 7.63 -23.15
N SER B 426 -29.28 8.35 -23.89
CA SER B 426 -29.36 8.15 -25.32
C SER B 426 -28.13 8.69 -26.06
N LEU B 427 -27.54 9.76 -25.51
CA LEU B 427 -26.35 10.36 -26.09
C LEU B 427 -25.19 9.39 -26.11
N ARG B 428 -24.99 8.72 -24.97
CA ARG B 428 -23.85 7.83 -24.80
C ARG B 428 -24.09 6.46 -25.44
N SER B 429 -25.34 6.21 -25.81
CA SER B 429 -25.68 5.00 -26.55
C SER B 429 -25.51 5.22 -28.05
N SER B 430 -25.82 6.45 -28.49
CA SER B 430 -25.72 6.80 -29.91
C SER B 430 -24.29 7.17 -30.31
N ILE B 431 -23.43 7.35 -29.31
CA ILE B 431 -22.03 7.72 -29.57
C ILE B 431 -21.07 6.71 -28.96
N GLY B 432 -20.18 6.17 -29.78
CA GLY B 432 -19.17 5.23 -29.32
C GLY B 432 -17.86 5.92 -29.01
N ILE B 433 -16.93 5.19 -28.42
CA ILE B 433 -15.67 5.77 -27.98
C ILE B 433 -14.60 4.72 -27.69
N VAL B 434 -13.50 4.80 -28.42
CA VAL B 434 -12.34 3.94 -28.17
C VAL B 434 -11.13 4.82 -27.86
N LEU B 435 -10.94 5.12 -26.58
CA LEU B 435 -9.86 6.01 -26.15
C LEU B 435 -8.50 5.39 -26.45
N GLN B 436 -7.46 6.22 -26.38
CA GLN B 436 -6.10 5.80 -26.72
C GLN B 436 -5.71 4.52 -25.99
N ASP B 437 -5.89 4.54 -24.68
CA ASP B 437 -5.70 3.36 -23.86
C ASP B 437 -6.96 3.09 -23.05
N THR B 438 -7.90 2.37 -23.65
CA THR B 438 -9.16 2.06 -23.00
C THR B 438 -8.94 1.09 -21.85
N ILE B 439 -9.98 0.84 -21.07
CA ILE B 439 -9.86 0.01 -19.89
C ILE B 439 -10.64 -1.30 -20.05
N LEU B 440 -9.98 -2.42 -19.77
CA LEU B 440 -10.65 -3.71 -19.74
C LEU B 440 -11.02 -4.09 -18.31
N PHE B 441 -11.80 -5.16 -18.16
CA PHE B 441 -12.21 -5.63 -16.85
C PHE B 441 -11.71 -7.05 -16.60
N SER B 442 -11.47 -7.37 -15.33
CA SER B 442 -10.95 -8.67 -14.95
C SER B 442 -12.04 -9.74 -14.96
N THR B 443 -12.63 -9.96 -16.14
CA THR B 443 -13.64 -10.99 -16.32
C THR B 443 -13.21 -11.88 -17.48
N THR B 444 -14.17 -12.41 -18.23
CA THR B 444 -13.87 -13.23 -19.39
C THR B 444 -13.97 -12.40 -20.67
N VAL B 445 -13.32 -12.87 -21.72
CA VAL B 445 -13.35 -12.19 -23.01
C VAL B 445 -14.79 -12.03 -23.49
N LYS B 446 -15.56 -13.11 -23.40
CA LYS B 446 -16.97 -13.10 -23.79
C LYS B 446 -17.77 -12.05 -23.02
N GLU B 447 -17.47 -11.91 -21.72
CA GLU B 447 -18.14 -10.93 -20.88
C GLU B 447 -17.71 -9.50 -21.22
N ASN B 448 -16.44 -9.34 -21.56
CA ASN B 448 -15.90 -8.02 -21.91
C ASN B 448 -16.50 -7.45 -23.18
N LEU B 449 -16.66 -8.30 -24.19
CA LEU B 449 -17.22 -7.87 -25.47
C LEU B 449 -18.73 -7.68 -25.35
N LYS B 450 -19.32 -8.32 -24.34
CA LYS B 450 -20.75 -8.24 -24.10
C LYS B 450 -21.10 -6.94 -23.37
N TYR B 451 -20.09 -6.30 -22.78
CA TYR B 451 -20.29 -5.12 -21.94
C TYR B 451 -21.05 -3.99 -22.63
N GLY B 452 -21.02 -3.97 -23.96
CA GLY B 452 -21.74 -2.96 -24.73
C GLY B 452 -23.18 -3.35 -24.98
N ASN B 453 -23.42 -4.64 -25.23
CA ASN B 453 -24.76 -5.14 -25.45
C ASN B 453 -25.01 -6.38 -24.59
N PRO B 454 -25.64 -6.19 -23.43
CA PRO B 454 -25.94 -7.28 -22.49
C PRO B 454 -26.76 -8.39 -23.13
N GLY B 455 -27.90 -8.04 -23.74
CA GLY B 455 -28.74 -9.01 -24.41
C GLY B 455 -28.22 -9.36 -25.79
N ALA B 456 -27.06 -10.03 -25.82
CA ALA B 456 -26.46 -10.45 -27.08
C ALA B 456 -25.87 -11.85 -26.93
N THR B 457 -26.43 -12.80 -27.66
CA THR B 457 -25.99 -14.19 -27.56
C THR B 457 -24.55 -14.35 -28.05
N ASP B 458 -23.83 -15.29 -27.45
CA ASP B 458 -22.43 -15.53 -27.78
C ASP B 458 -22.27 -16.06 -29.21
N GLU B 459 -23.34 -16.63 -29.76
CA GLU B 459 -23.34 -17.08 -31.14
C GLU B 459 -23.26 -15.87 -32.06
N GLU B 460 -23.90 -14.78 -31.64
CA GLU B 460 -23.88 -13.53 -32.39
C GLU B 460 -22.55 -12.81 -32.20
N ILE B 461 -21.97 -12.98 -31.01
CA ILE B 461 -20.70 -12.34 -30.69
C ILE B 461 -19.56 -12.88 -31.55
N LYS B 462 -19.47 -14.21 -31.62
CA LYS B 462 -18.45 -14.87 -32.45
C LYS B 462 -18.60 -14.48 -33.91
N GLU B 463 -19.84 -14.25 -34.33
CA GLU B 463 -20.12 -13.82 -35.70
C GLU B 463 -19.59 -12.41 -35.91
N ALA B 464 -19.65 -11.59 -34.86
CA ALA B 464 -19.16 -10.22 -34.92
C ALA B 464 -17.68 -10.15 -34.54
N ALA B 465 -17.21 -11.14 -33.80
CA ALA B 465 -15.82 -11.20 -33.39
C ALA B 465 -14.90 -11.48 -34.58
N LYS B 466 -15.44 -12.16 -35.58
CA LYS B 466 -14.70 -12.47 -36.80
C LYS B 466 -14.56 -11.24 -37.68
N LEU B 467 -15.54 -10.34 -37.58
CA LEU B 467 -15.59 -9.17 -38.44
C LEU B 467 -14.72 -8.02 -37.93
N THR B 468 -13.74 -8.33 -37.08
CA THR B 468 -12.82 -7.34 -36.56
C THR B 468 -11.44 -7.95 -36.34
N HIS B 469 -11.28 -9.18 -36.82
CA HIS B 469 -10.02 -9.92 -36.68
C HIS B 469 -9.62 -10.14 -35.22
N SER B 470 -10.53 -10.74 -34.45
CA SER B 470 -10.28 -11.05 -33.05
C SER B 470 -10.49 -12.54 -32.77
N ASP B 471 -11.44 -13.12 -33.48
CA ASP B 471 -11.85 -14.52 -33.28
C ASP B 471 -10.69 -15.52 -33.33
N HIS B 472 -9.63 -15.18 -34.06
CA HIS B 472 -8.49 -16.07 -34.21
C HIS B 472 -7.69 -16.23 -32.92
N PHE B 473 -7.18 -15.12 -32.39
CA PHE B 473 -6.35 -15.17 -31.19
C PHE B 473 -7.17 -15.42 -29.93
N ILE B 474 -8.46 -15.11 -30.00
CA ILE B 474 -9.35 -15.33 -28.86
C ILE B 474 -9.55 -16.83 -28.61
N LYS B 475 -9.75 -17.60 -29.68
CA LYS B 475 -9.89 -19.04 -29.59
C LYS B 475 -8.53 -19.72 -29.41
N HIS B 476 -7.45 -18.97 -29.65
CA HIS B 476 -6.11 -19.50 -29.47
C HIS B 476 -5.60 -19.18 -28.06
N LEU B 477 -6.51 -18.73 -27.21
CA LEU B 477 -6.21 -18.48 -25.80
C LEU B 477 -6.31 -19.78 -25.01
N PRO B 478 -5.78 -19.79 -23.77
CA PRO B 478 -5.90 -20.98 -22.91
C PRO B 478 -7.32 -21.52 -22.78
N GLU B 479 -8.30 -20.65 -22.57
CA GLU B 479 -9.68 -21.10 -22.39
C GLU B 479 -10.64 -20.50 -23.41
N GLY B 480 -10.11 -20.04 -24.54
CA GLY B 480 -10.93 -19.44 -25.58
C GLY B 480 -11.63 -18.19 -25.12
N TYR B 481 -12.93 -18.09 -25.40
CA TYR B 481 -13.72 -16.95 -24.97
C TYR B 481 -13.95 -16.98 -23.47
N GLU B 482 -13.84 -18.17 -22.88
CA GLU B 482 -14.04 -18.36 -21.44
C GLU B 482 -12.84 -17.87 -20.64
N THR B 483 -11.75 -17.55 -21.33
CA THR B 483 -10.51 -17.12 -20.69
C THR B 483 -10.71 -15.91 -19.80
N VAL B 484 -10.28 -16.02 -18.55
CA VAL B 484 -10.29 -14.88 -17.64
C VAL B 484 -9.02 -14.05 -17.81
N LEU B 485 -9.20 -12.76 -18.09
CA LEU B 485 -8.06 -11.86 -18.24
C LEU B 485 -7.87 -11.00 -16.99
N THR B 486 -7.16 -11.57 -16.01
CA THR B 486 -6.93 -10.89 -14.75
C THR B 486 -6.02 -9.68 -14.92
N ASP B 487 -6.11 -8.74 -13.99
CA ASP B 487 -5.37 -7.48 -14.04
C ASP B 487 -5.56 -6.74 -15.36
N ASN B 488 -6.80 -6.76 -15.85
CA ASN B 488 -7.21 -5.97 -17.01
C ASN B 488 -6.38 -6.22 -18.27
N GLY B 489 -6.11 -7.49 -18.56
CA GLY B 489 -5.43 -7.88 -19.77
C GLY B 489 -3.91 -7.75 -19.73
N GLU B 490 -3.31 -7.99 -18.57
CA GLU B 490 -1.86 -7.88 -18.43
C GLU B 490 -1.15 -8.96 -19.25
N ASP B 491 -1.78 -10.11 -19.39
CA ASP B 491 -1.19 -11.22 -20.12
C ASP B 491 -1.46 -11.15 -21.61
N LEU B 492 -2.19 -10.12 -22.02
CA LEU B 492 -2.43 -9.86 -23.43
C LEU B 492 -1.49 -8.76 -23.94
N SER B 493 -1.08 -8.86 -25.19
CA SER B 493 -0.31 -7.80 -25.82
C SER B 493 -1.23 -6.63 -26.11
N GLN B 494 -0.69 -5.41 -26.09
CA GLN B 494 -1.51 -4.21 -26.25
C GLN B 494 -2.30 -4.20 -27.55
N GLY B 495 -1.67 -4.67 -28.63
CA GLY B 495 -2.32 -4.74 -29.93
C GLY B 495 -3.57 -5.60 -29.88
N GLN B 496 -3.51 -6.68 -29.11
CA GLN B 496 -4.65 -7.57 -28.95
C GLN B 496 -5.77 -6.92 -28.15
N ARG B 497 -5.40 -6.03 -27.24
CA ARG B 497 -6.40 -5.39 -26.38
C ARG B 497 -7.12 -4.27 -27.11
N GLN B 498 -6.40 -3.58 -27.99
CA GLN B 498 -7.00 -2.56 -28.84
C GLN B 498 -8.05 -3.21 -29.73
N LEU B 499 -7.74 -4.43 -30.18
CA LEU B 499 -8.69 -5.24 -30.94
C LEU B 499 -9.95 -5.52 -30.14
N LEU B 500 -9.79 -5.95 -28.89
CA LEU B 500 -10.92 -6.24 -28.02
C LEU B 500 -11.78 -5.01 -27.77
N ALA B 501 -11.14 -3.86 -27.67
CA ALA B 501 -11.86 -2.60 -27.50
C ALA B 501 -12.67 -2.29 -28.76
N ILE B 502 -12.07 -2.56 -29.91
CA ILE B 502 -12.74 -2.35 -31.20
C ILE B 502 -13.94 -3.27 -31.36
N THR B 503 -13.76 -4.55 -31.02
CA THR B 503 -14.84 -5.53 -31.08
C THR B 503 -15.96 -5.17 -30.11
N ARG B 504 -15.59 -4.61 -28.96
CA ARG B 504 -16.56 -4.23 -27.94
C ARG B 504 -17.41 -3.04 -28.39
N ALA B 505 -16.74 -1.99 -28.88
CA ALA B 505 -17.43 -0.80 -29.36
C ALA B 505 -18.35 -1.11 -30.53
N PHE B 506 -17.94 -2.10 -31.34
CA PHE B 506 -18.72 -2.52 -32.50
C PHE B 506 -20.06 -3.13 -32.07
N LEU B 507 -20.04 -3.95 -31.03
CA LEU B 507 -21.24 -4.63 -30.57
C LEU B 507 -22.28 -3.70 -29.97
N ALA B 508 -21.83 -2.57 -29.44
CA ALA B 508 -22.74 -1.55 -28.90
C ALA B 508 -23.50 -0.89 -30.05
N ASN B 509 -22.85 -0.86 -31.21
CA ASN B 509 -23.40 -0.27 -32.44
C ASN B 509 -24.03 1.11 -32.28
N PRO B 510 -23.20 2.15 -32.09
CA PRO B 510 -23.66 3.54 -32.06
C PRO B 510 -23.59 4.18 -33.45
N LYS B 511 -24.38 5.23 -33.67
CA LYS B 511 -24.39 5.90 -34.97
C LYS B 511 -23.37 7.04 -35.05
N ILE B 512 -22.61 7.22 -33.98
CA ILE B 512 -21.50 8.17 -33.97
C ILE B 512 -20.29 7.50 -33.31
N LEU B 513 -19.10 7.78 -33.83
CA LEU B 513 -17.90 7.08 -33.39
C LEU B 513 -16.73 8.02 -33.13
N ILE B 514 -16.09 7.87 -31.97
CA ILE B 514 -14.83 8.55 -31.70
C ILE B 514 -13.74 7.50 -31.54
N LEU B 515 -12.59 7.73 -32.17
CA LEU B 515 -11.54 6.72 -32.17
C LEU B 515 -10.17 7.31 -31.89
N ASP B 516 -9.42 6.69 -30.99
CA ASP B 516 -8.04 7.08 -30.76
C ASP B 516 -7.15 5.83 -30.75
N GLU B 517 -7.07 5.16 -31.89
CA GLU B 517 -6.28 3.94 -32.01
C GLU B 517 -4.79 4.21 -31.99
N ALA B 518 -4.11 3.70 -30.97
CA ALA B 518 -2.67 3.85 -30.84
C ALA B 518 -1.94 3.10 -31.95
N THR B 519 -0.71 3.51 -32.23
CA THR B 519 0.09 2.86 -33.26
C THR B 519 1.45 2.45 -32.72
N SER B 520 1.77 2.94 -31.52
CA SER B 520 3.11 2.80 -30.95
C SER B 520 3.60 1.36 -30.84
N ASN B 521 3.18 0.64 -29.80
CA ASN B 521 3.72 -0.68 -29.55
C ASN B 521 2.80 -1.82 -30.00
N VAL B 522 2.55 -1.86 -31.31
CA VAL B 522 1.80 -2.93 -31.94
C VAL B 522 2.72 -3.68 -32.87
N ASP B 523 2.52 -4.99 -33.01
CA ASP B 523 3.28 -5.76 -33.97
C ASP B 523 2.65 -5.62 -35.35
N THR B 524 3.47 -5.64 -36.39
CA THR B 524 3.02 -5.37 -37.76
C THR B 524 1.90 -6.30 -38.21
N LYS B 525 1.91 -7.54 -37.74
CA LYS B 525 0.86 -8.49 -38.04
C LYS B 525 -0.52 -7.99 -37.61
N THR B 526 -0.70 -7.79 -36.30
CA THR B 526 -1.97 -7.30 -35.79
C THR B 526 -2.28 -5.89 -36.27
N GLU B 527 -1.23 -5.15 -36.62
CA GLU B 527 -1.37 -3.78 -37.09
C GLU B 527 -2.25 -3.67 -38.33
N LYS B 528 -2.10 -4.62 -39.24
CA LYS B 528 -2.90 -4.63 -40.46
C LYS B 528 -4.32 -5.10 -40.17
N SER B 529 -4.49 -5.86 -39.09
CA SER B 529 -5.80 -6.38 -38.74
C SER B 529 -6.58 -5.41 -37.86
N ILE B 530 -5.89 -4.54 -37.13
CA ILE B 530 -6.59 -3.51 -36.35
C ILE B 530 -7.15 -2.41 -37.25
N GLN B 531 -6.43 -2.08 -38.32
CA GLN B 531 -6.89 -1.05 -39.25
C GLN B 531 -7.98 -1.60 -40.16
N ALA B 532 -7.91 -2.89 -40.46
CA ALA B 532 -8.98 -3.57 -41.17
C ALA B 532 -10.22 -3.59 -40.28
N ALA B 533 -10.00 -3.75 -38.98
CA ALA B 533 -11.07 -3.69 -38.00
C ALA B 533 -11.62 -2.27 -37.89
N MET B 534 -10.75 -1.29 -38.08
CA MET B 534 -11.15 0.12 -38.08
C MET B 534 -12.08 0.43 -39.26
N TRP B 535 -11.86 -0.25 -40.38
CA TRP B 535 -12.67 0.00 -41.56
C TRP B 535 -14.05 -0.63 -41.40
N LYS B 536 -14.09 -1.81 -40.77
CA LYS B 536 -15.36 -2.47 -40.52
C LYS B 536 -16.06 -1.80 -39.34
N LEU B 537 -15.27 -1.14 -38.49
CA LEU B 537 -15.80 -0.41 -37.35
C LEU B 537 -16.57 0.81 -37.84
N MET B 538 -15.96 1.59 -38.72
CA MET B 538 -16.55 2.83 -39.19
C MET B 538 -17.53 2.61 -40.32
N GLU B 539 -17.58 1.37 -40.82
CA GLU B 539 -18.49 1.00 -41.90
C GLU B 539 -19.95 1.23 -41.50
N GLY B 540 -20.50 2.36 -41.93
CA GLY B 540 -21.91 2.65 -41.72
C GLY B 540 -22.21 3.81 -40.79
N LYS B 541 -21.19 4.38 -40.18
CA LYS B 541 -21.41 5.46 -39.21
C LYS B 541 -20.44 6.64 -39.33
N THR B 542 -20.82 7.77 -38.73
CA THR B 542 -19.99 8.95 -38.65
C THR B 542 -18.81 8.67 -37.72
N SER B 543 -17.61 9.10 -38.11
CA SER B 543 -16.42 8.79 -37.33
C SER B 543 -15.50 9.98 -37.12
N ILE B 544 -15.03 10.15 -35.89
CA ILE B 544 -14.00 11.14 -35.58
C ILE B 544 -12.76 10.42 -35.07
N ILE B 545 -11.62 10.63 -35.72
CA ILE B 545 -10.42 9.86 -35.42
C ILE B 545 -9.21 10.75 -35.08
N ILE B 546 -8.68 10.61 -33.88
CA ILE B 546 -7.39 11.19 -33.55
C ILE B 546 -6.34 10.34 -34.27
N ALA B 547 -6.09 10.67 -35.52
CA ALA B 547 -5.29 9.82 -36.40
C ALA B 547 -3.79 9.87 -36.11
N HIS B 548 -3.15 8.72 -36.23
CA HIS B 548 -1.70 8.63 -36.13
C HIS B 548 -1.18 7.82 -37.31
N ARG B 549 -2.08 7.53 -38.25
CA ARG B 549 -1.78 6.69 -39.39
C ARG B 549 -1.86 7.47 -40.70
N LEU B 550 -1.04 7.07 -41.67
CA LEU B 550 -1.02 7.72 -42.98
C LEU B 550 -2.30 7.40 -43.75
N ASN B 551 -2.66 6.12 -43.81
CA ASN B 551 -3.79 5.68 -44.64
C ASN B 551 -5.18 6.07 -44.13
N THR B 552 -5.24 6.85 -43.05
CA THR B 552 -6.52 7.32 -42.54
C THR B 552 -6.72 8.81 -42.78
N ILE B 553 -5.62 9.56 -42.82
CA ILE B 553 -5.70 10.99 -43.11
C ILE B 553 -5.79 11.23 -44.61
N LYS B 554 -5.62 10.17 -45.39
CA LYS B 554 -5.77 10.25 -46.83
C LYS B 554 -7.21 9.92 -47.24
N ASN B 555 -7.81 8.98 -46.53
CA ASN B 555 -9.20 8.60 -46.81
C ASN B 555 -10.18 9.49 -46.06
N ALA B 556 -9.65 10.46 -45.32
CA ALA B 556 -10.46 11.35 -44.52
C ALA B 556 -11.34 12.26 -45.40
N ASP B 557 -12.64 12.26 -45.13
CA ASP B 557 -13.57 13.14 -45.82
C ASP B 557 -13.36 14.57 -45.37
N LEU B 558 -12.67 14.73 -44.24
CA LEU B 558 -12.34 16.04 -43.71
C LEU B 558 -11.19 15.92 -42.72
N ILE B 559 -10.21 16.81 -42.84
CA ILE B 559 -9.14 16.90 -41.86
C ILE B 559 -9.21 18.25 -41.16
N ILE B 560 -9.27 18.23 -39.84
CA ILE B 560 -9.30 19.47 -39.07
C ILE B 560 -8.05 19.62 -38.20
N VAL B 561 -7.20 20.56 -38.58
CA VAL B 561 -5.91 20.75 -37.94
C VAL B 561 -6.01 21.65 -36.71
N LEU B 562 -5.50 21.17 -35.59
CA LEU B 562 -5.56 21.92 -34.34
C LEU B 562 -4.17 22.37 -33.89
N ARG B 563 -4.12 23.47 -33.17
CA ARG B 563 -2.85 24.02 -32.69
C ARG B 563 -3.08 24.99 -31.55
N ASP B 564 -2.43 24.72 -30.42
CA ASP B 564 -2.45 25.61 -29.26
C ASP B 564 -3.87 25.97 -28.80
N GLY B 565 -4.80 25.04 -29.00
CA GLY B 565 -6.18 25.26 -28.61
C GLY B 565 -7.00 26.02 -29.64
N GLU B 566 -6.40 26.25 -30.80
CA GLU B 566 -7.06 26.96 -31.89
C GLU B 566 -7.20 26.07 -33.10
N ILE B 567 -8.40 26.02 -33.68
CA ILE B 567 -8.61 25.33 -34.94
C ILE B 567 -8.08 26.21 -36.08
N VAL B 568 -6.99 25.76 -36.70
CA VAL B 568 -6.25 26.59 -37.64
C VAL B 568 -6.55 26.29 -39.10
N GLU B 569 -6.50 25.01 -39.49
CA GLU B 569 -6.75 24.62 -40.87
C GLU B 569 -7.78 23.51 -40.97
N MET B 570 -8.46 23.46 -42.11
CA MET B 570 -9.39 22.37 -42.41
C MET B 570 -9.25 21.96 -43.87
N GLY B 571 -10.12 21.04 -44.32
CA GLY B 571 -10.08 20.60 -45.70
C GLY B 571 -9.40 19.25 -45.88
N LYS B 572 -9.53 18.68 -47.08
CA LYS B 572 -9.00 17.35 -47.35
C LYS B 572 -7.48 17.32 -47.50
N HIS B 573 -6.93 16.10 -47.51
CA HIS B 573 -5.50 15.87 -47.45
C HIS B 573 -4.69 16.64 -48.50
N ASP B 574 -4.94 16.34 -49.78
CA ASP B 574 -4.20 16.95 -50.88
C ASP B 574 -4.29 18.47 -50.88
N GLU B 575 -5.47 18.98 -50.57
CA GLU B 575 -5.70 20.41 -50.46
C GLU B 575 -4.81 21.06 -49.40
N LEU B 576 -4.68 20.39 -48.25
CA LEU B 576 -3.94 20.93 -47.12
C LEU B 576 -2.43 20.86 -47.29
N ILE B 577 -1.96 20.04 -48.21
CA ILE B 577 -0.54 19.94 -48.50
C ILE B 577 -0.07 21.19 -49.25
N GLN B 578 -0.94 21.72 -50.10
CA GLN B 578 -0.58 22.82 -50.99
C GLN B 578 -0.55 24.18 -50.28
N LYS B 579 -1.37 24.35 -49.26
CA LYS B 579 -1.40 25.59 -48.50
C LYS B 579 -0.02 25.95 -47.93
N ARG B 580 0.79 24.93 -47.68
CA ARG B 580 2.13 25.11 -47.12
C ARG B 580 2.10 25.80 -45.77
N GLY B 581 0.94 25.76 -45.12
CA GLY B 581 0.77 26.41 -43.84
C GLY B 581 1.25 25.55 -42.69
N PHE B 582 0.33 24.82 -42.07
CA PHE B 582 0.68 24.02 -40.90
C PHE B 582 0.62 22.53 -41.18
N TYR B 583 -0.39 22.10 -41.93
CA TYR B 583 -0.55 20.68 -42.26
C TYR B 583 0.63 20.18 -43.08
N TYR B 584 1.10 21.01 -44.00
CA TYR B 584 2.26 20.67 -44.82
C TYR B 584 3.50 20.50 -43.95
N GLU B 585 3.69 21.43 -43.02
CA GLU B 585 4.79 21.35 -42.07
C GLU B 585 4.77 20.00 -41.37
N LEU B 586 3.71 19.77 -40.61
CA LEU B 586 3.54 18.53 -39.85
C LEU B 586 3.71 17.28 -40.73
N PHE B 587 3.20 17.34 -41.95
CA PHE B 587 3.30 16.20 -42.86
C PHE B 587 4.74 15.99 -43.34
N THR B 588 5.35 17.02 -43.91
CA THR B 588 6.69 16.88 -44.46
C THR B 588 7.77 16.76 -43.38
N SER B 589 7.45 17.20 -42.16
CA SER B 589 8.39 17.08 -41.05
C SER B 589 8.17 15.77 -40.30
N GLN B 590 7.61 14.79 -41.00
CA GLN B 590 7.31 13.51 -40.38
C GLN B 590 7.07 12.42 -41.44
N TYR B 591 6.51 12.81 -42.57
CA TYR B 591 6.29 11.88 -43.69
C TYR B 591 7.18 12.21 -44.90
N GLY B 592 7.92 13.30 -44.82
CA GLY B 592 8.85 13.66 -45.88
C GLY B 592 10.11 12.83 -45.79
N LEU B 593 9.95 11.51 -45.83
CA LEU B 593 11.02 10.56 -45.55
C LEU B 593 12.28 10.73 -46.42
PG ANP C . 9.80 -2.34 -27.60
O1G ANP C . 9.50 -1.25 -26.61
O2G ANP C . 10.60 -1.86 -28.80
O3G ANP C . 8.61 -3.20 -27.96
PB ANP C . 11.93 -4.54 -27.63
O1B ANP C . 11.37 -4.73 -29.02
O2B ANP C . 13.34 -4.01 -27.49
N3B ANP C . 10.88 -3.43 -26.75
PA ANP C . 12.86 -6.37 -25.70
O1A ANP C . 14.27 -6.43 -26.24
O2A ANP C . 12.53 -5.48 -24.52
O3A ANP C . 11.83 -5.96 -26.88
O5' ANP C . 12.37 -7.85 -25.26
C5' ANP C . 12.55 -9.02 -26.05
C4' ANP C . 11.69 -10.14 -25.45
O4' ANP C . 12.14 -10.48 -24.14
C3' ANP C . 10.23 -9.75 -25.34
O3' ANP C . 9.40 -10.83 -25.76
C2' ANP C . 10.00 -9.51 -23.86
O2' ANP C . 8.74 -10.05 -23.48
C1' ANP C . 11.12 -10.28 -23.17
N9 ANP C . 11.68 -9.51 -22.03
C8 ANP C . 12.09 -8.23 -22.06
N7 ANP C . 12.58 -7.84 -20.84
C5 ANP C . 12.50 -8.90 -20.02
C6 ANP C . 12.83 -9.18 -18.60
N6 ANP C . 13.37 -8.23 -17.81
N1 ANP C . 12.57 -10.42 -18.14
C2 ANP C . 12.03 -11.37 -18.91
N3 ANP C . 11.71 -11.19 -20.21
C4 ANP C . 11.91 -9.99 -20.81
MG MG D . 12.49 -1.44 -26.72
#